data_3ZNR
#
_entry.id   3ZNR
#
_cell.length_a   81.393
_cell.length_b   81.393
_cell.length_c   149.265
_cell.angle_alpha   90.00
_cell.angle_beta   90.00
_cell.angle_gamma   120.00
#
_symmetry.space_group_name_H-M   'P 32'
#
loop_
_entity.id
_entity.type
_entity.pdbx_description
1 polymer 'HISTONE DEACETYLASE 7'
2 non-polymer 'ZINC ION'
3 non-polymer 'POTASSIUM ION'
4 non-polymer N-{[4-(4-phenyl-1,3-thiazol-2-yl)tetrahydro-2H-pyran-4-yl]methyl}-3-[5-(trifluoromethyl)-1,2,4-oxadiazol-3-yl]benzamide
5 water water
#
_entity_poly.entity_id   1
_entity_poly.type   'polypeptide(L)'
_entity_poly.pdbx_seq_one_letter_code
;GSRAQSSPAAPASLSAPEPASQARVLSSSETPARTLPFTTGLIYDSVMLKHQCSCGDNSRHPEHAGRIQSIWSRLQERGL
RSQCECLRGRKASLEELQSVHSERHVLLYGTNPLSRLKLDNGKLAGLLAQRMFVMLPCGGVGVDTDTIWNELHSSNAARW
AAGSVTDLAFKVASRELKNGFAVVRPPGHHADHSTAMGFCFFNSVAIACRQLQQQSKASKILIVDWDVHHGNGTQQTFYQ
DPSVLYISLHRHDDGNFFPGSGAVDEVGAGSGEGFNVNVAWAGGLDPPMGDPEYLAAFRIVVMPIAREFSPDLVLVSAGF
DAAEGHPAPLGGYHVSAKCFGYMTQQLMNLAGGAVVLALEGGHDLTAICDASEACVAALLGNRVDPLSEEGWKQKPNLNA
IRSLEAVIRVHSKYWGCMQRLAS
;
_entity_poly.pdbx_strand_id   A,B,C
#
# COMPACT_ATOMS: atom_id res chain seq x y z
N LEU A 36 -5.82 10.21 1.62
CA LEU A 36 -5.96 8.84 2.18
C LEU A 36 -6.14 7.83 1.04
N PRO A 37 -5.38 6.71 1.07
CA PRO A 37 -5.42 5.74 -0.03
C PRO A 37 -6.69 4.89 -0.04
N PHE A 38 -7.06 4.40 -1.22
CA PHE A 38 -8.28 3.60 -1.40
C PHE A 38 -7.99 2.12 -1.17
N THR A 39 -7.88 1.73 0.09
CA THR A 39 -7.67 0.35 0.50
C THR A 39 -8.59 0.05 1.68
N THR A 40 -8.38 -1.06 2.37
CA THR A 40 -9.18 -1.40 3.54
C THR A 40 -8.66 -0.62 4.74
N GLY A 41 -9.59 -0.17 5.59
CA GLY A 41 -9.23 0.57 6.80
C GLY A 41 -9.26 -0.33 8.02
N LEU A 42 -8.32 -0.09 8.94
CA LEU A 42 -8.30 -0.78 10.23
C LEU A 42 -8.38 0.23 11.37
N ILE A 43 -9.27 -0.02 12.33
CA ILE A 43 -9.42 0.84 13.50
C ILE A 43 -8.90 0.12 14.74
N TYR A 44 -8.01 0.78 15.47
CA TYR A 44 -7.48 0.26 16.73
C TYR A 44 -6.84 1.38 17.53
N ASP A 45 -7.02 1.33 18.85
CA ASP A 45 -6.36 2.27 19.76
C ASP A 45 -6.30 1.68 21.16
N SER A 46 -5.23 2.02 21.89
CA SER A 46 -4.99 1.48 23.23
C SER A 46 -6.02 1.93 24.26
N VAL A 47 -6.66 3.07 24.01
CA VAL A 47 -7.72 3.58 24.90
C VAL A 47 -8.76 2.51 25.25
N MET A 48 -9.11 1.68 24.28
CA MET A 48 -10.11 0.63 24.48
C MET A 48 -9.61 -0.55 25.33
N LEU A 49 -8.30 -0.67 25.49
CA LEU A 49 -7.72 -1.67 26.41
C LEU A 49 -7.99 -1.32 27.88
N LYS A 50 -8.26 -0.05 28.15
CA LYS A 50 -8.43 0.44 29.52
C LYS A 50 -9.71 -0.09 30.17
N HIS A 51 -10.70 -0.48 29.36
CA HIS A 51 -11.96 -1.02 29.88
C HIS A 51 -11.75 -2.40 30.51
N GLN A 52 -11.64 -2.41 31.84
CA GLN A 52 -11.51 -3.66 32.59
C GLN A 52 -11.86 -3.44 34.06
N CYS A 53 -12.36 -4.48 34.71
CA CYS A 53 -12.74 -4.43 36.11
C CYS A 53 -11.54 -4.18 37.02
N SER A 54 -11.81 -3.59 38.18
CA SER A 54 -10.75 -3.23 39.13
C SER A 54 -10.12 -4.47 39.80
N CYS A 55 -10.86 -5.57 39.85
CA CYS A 55 -10.35 -6.82 40.42
C CYS A 55 -9.22 -7.43 39.58
N GLY A 56 -9.17 -7.09 38.29
CA GLY A 56 -8.06 -7.45 37.42
C GLY A 56 -8.07 -8.87 36.86
N ASP A 57 -9.05 -9.68 37.28
CA ASP A 57 -9.13 -11.07 36.83
C ASP A 57 -9.80 -11.16 35.46
N ASN A 58 -9.01 -11.41 34.43
CA ASN A 58 -9.52 -11.54 33.06
C ASN A 58 -10.25 -12.85 32.79
N SER A 59 -10.06 -13.83 33.68
CA SER A 59 -10.77 -15.11 33.57
C SER A 59 -12.23 -14.95 34.01
N ARG A 60 -12.43 -14.28 35.16
CA ARG A 60 -13.78 -14.00 35.66
C ARG A 60 -14.54 -13.00 34.76
N HIS A 61 -13.79 -12.10 34.13
CA HIS A 61 -14.37 -11.13 33.19
C HIS A 61 -13.85 -11.40 31.77
N PRO A 62 -14.50 -12.34 31.05
CA PRO A 62 -13.97 -12.88 29.80
C PRO A 62 -13.95 -11.92 28.60
N GLU A 63 -14.70 -10.82 28.68
CA GLU A 63 -14.60 -9.75 27.69
C GLU A 63 -13.41 -8.86 28.08
N HIS A 64 -12.21 -9.32 27.76
CA HIS A 64 -10.97 -8.68 28.23
C HIS A 64 -10.21 -7.95 27.12
N ALA A 65 -9.23 -7.15 27.54
CA ALA A 65 -8.43 -6.33 26.62
C ALA A 65 -7.63 -7.17 25.62
N GLY A 66 -7.20 -8.36 26.06
CA GLY A 66 -6.47 -9.29 25.20
C GLY A 66 -7.18 -9.63 23.89
N ARG A 67 -8.50 -9.54 23.88
CA ARG A 67 -9.30 -9.83 22.69
C ARG A 67 -8.85 -8.99 21.49
N ILE A 68 -8.94 -7.67 21.61
CA ILE A 68 -8.51 -6.77 20.53
C ILE A 68 -6.99 -6.69 20.40
N GLN A 69 -6.28 -6.88 21.51
CA GLN A 69 -4.81 -6.82 21.53
C GLN A 69 -4.21 -7.97 20.73
N SER A 70 -4.76 -9.17 20.90
CA SER A 70 -4.28 -10.36 20.19
C SER A 70 -4.57 -10.27 18.69
N ILE A 71 -5.75 -9.80 18.33
CA ILE A 71 -6.14 -9.64 16.94
C ILE A 71 -5.25 -8.61 16.23
N TRP A 72 -4.98 -7.51 16.92
CA TRP A 72 -4.16 -6.42 16.36
C TRP A 72 -2.75 -6.87 16.03
N SER A 73 -2.12 -7.58 16.96
CA SER A 73 -0.76 -8.10 16.75
C SER A 73 -0.75 -9.26 15.74
N ARG A 74 -1.78 -10.10 15.81
CA ARG A 74 -1.97 -11.20 14.86
C ARG A 74 -1.98 -10.70 13.41
N LEU A 75 -2.65 -9.58 13.16
CA LEU A 75 -2.72 -9.00 11.82
C LEU A 75 -1.35 -8.55 11.31
N GLN A 76 -0.49 -8.10 12.21
CA GLN A 76 0.87 -7.72 11.87
C GLN A 76 1.74 -8.94 11.61
N GLU A 77 1.60 -9.96 12.47
CA GLU A 77 2.33 -11.23 12.31
C GLU A 77 2.05 -11.90 10.96
N ARG A 78 0.80 -11.80 10.51
CA ARG A 78 0.37 -12.42 9.27
C ARG A 78 0.56 -11.51 8.05
N GLY A 79 0.99 -10.28 8.28
CA GLY A 79 1.33 -9.35 7.21
C GLY A 79 0.17 -8.57 6.60
N LEU A 80 -1.00 -8.67 7.22
CA LEU A 80 -2.21 -8.00 6.70
C LEU A 80 -2.33 -6.54 7.15
N ARG A 81 -1.76 -6.22 8.31
CA ARG A 81 -1.96 -4.90 8.94
C ARG A 81 -1.28 -3.76 8.17
N SER A 82 -0.08 -4.01 7.67
CA SER A 82 0.66 -3.01 6.90
C SER A 82 0.02 -2.70 5.55
N GLN A 83 -0.73 -3.66 5.01
CA GLN A 83 -1.44 -3.49 3.74
C GLN A 83 -2.65 -2.55 3.89
N CYS A 84 -3.18 -2.45 5.10
CA CYS A 84 -4.33 -1.61 5.39
C CYS A 84 -3.91 -0.21 5.82
N GLU A 85 -4.85 0.73 5.73
CA GLU A 85 -4.67 2.07 6.29
C GLU A 85 -5.15 2.03 7.74
N CYS A 86 -4.22 2.16 8.67
CA CYS A 86 -4.51 1.99 10.08
C CYS A 86 -4.87 3.34 10.72
N LEU A 87 -6.08 3.41 11.28
CA LEU A 87 -6.58 4.62 11.92
C LEU A 87 -6.76 4.41 13.42
N ARG A 88 -6.70 5.50 14.17
CA ARG A 88 -6.85 5.46 15.62
C ARG A 88 -8.33 5.56 16.01
N GLY A 89 -9.10 6.36 15.27
CA GLY A 89 -10.50 6.61 15.57
C GLY A 89 -10.66 7.85 16.43
N ARG A 90 -11.77 7.94 17.15
CA ARG A 90 -12.06 9.10 17.99
C ARG A 90 -13.21 8.82 18.97
N LYS A 91 -13.39 9.72 19.93
CA LYS A 91 -14.53 9.68 20.83
C LYS A 91 -15.79 10.05 20.06
N ALA A 92 -16.89 9.33 20.32
CA ALA A 92 -18.19 9.75 19.83
C ALA A 92 -18.66 10.93 20.68
N SER A 93 -19.22 11.95 20.05
CA SER A 93 -19.77 13.08 20.76
C SER A 93 -21.04 12.66 21.49
N LEU A 94 -21.43 13.41 22.52
CA LEU A 94 -22.67 13.13 23.25
C LEU A 94 -23.88 13.16 22.30
N GLU A 95 -23.85 14.07 21.33
CA GLU A 95 -24.92 14.20 20.34
C GLU A 95 -25.05 12.92 19.50
N GLU A 96 -23.91 12.32 19.14
CA GLU A 96 -23.90 11.08 18.37
C GLU A 96 -24.47 9.90 19.18
N LEU A 97 -24.11 9.83 20.45
CA LEU A 97 -24.64 8.80 21.36
C LEU A 97 -26.14 8.94 21.55
N GLN A 98 -26.62 10.19 21.60
CA GLN A 98 -28.05 10.47 21.79
C GLN A 98 -28.91 10.19 20.56
N SER A 99 -28.29 9.99 19.40
CA SER A 99 -29.03 9.62 18.18
C SER A 99 -29.61 8.21 18.27
N VAL A 100 -29.06 7.38 19.15
CA VAL A 100 -29.57 6.04 19.39
C VAL A 100 -30.10 5.85 20.81
N HIS A 101 -29.45 6.47 21.79
CA HIS A 101 -29.80 6.25 23.20
C HIS A 101 -30.49 7.44 23.84
N SER A 102 -31.09 7.20 25.00
CA SER A 102 -31.82 8.23 25.74
C SER A 102 -30.86 9.20 26.42
N GLU A 103 -31.39 10.34 26.85
CA GLU A 103 -30.60 11.35 27.55
C GLU A 103 -30.02 10.81 28.84
N ARG A 104 -30.84 10.10 29.61
CA ARG A 104 -30.42 9.49 30.88
C ARG A 104 -29.32 8.45 30.67
N HIS A 105 -29.43 7.66 29.60
CA HIS A 105 -28.41 6.65 29.27
C HIS A 105 -27.06 7.31 28.97
N VAL A 106 -27.10 8.37 28.16
CA VAL A 106 -25.88 9.08 27.77
C VAL A 106 -25.25 9.86 28.92
N LEU A 107 -26.07 10.38 29.84
CA LEU A 107 -25.56 11.03 31.03
C LEU A 107 -24.89 10.01 31.97
N LEU A 108 -25.53 8.86 32.14
CA LEU A 108 -25.03 7.81 33.02
C LEU A 108 -23.69 7.22 32.56
N TYR A 109 -23.61 6.87 31.28
CA TYR A 109 -22.44 6.14 30.76
C TYR A 109 -21.52 6.96 29.86
N GLY A 110 -21.92 8.19 29.51
CA GLY A 110 -21.19 8.99 28.53
C GLY A 110 -20.43 10.18 29.10
N THR A 111 -20.82 10.65 30.28
CA THR A 111 -20.24 11.88 30.84
C THR A 111 -19.48 11.59 32.13
N ASN A 112 -18.61 12.54 32.49
CA ASN A 112 -17.88 12.50 33.76
C ASN A 112 -18.83 12.89 34.89
N PRO A 113 -18.90 12.08 35.97
CA PRO A 113 -19.75 12.37 37.13
C PRO A 113 -19.63 13.80 37.68
N LEU A 114 -18.42 14.35 37.70
CA LEU A 114 -18.19 15.71 38.15
C LEU A 114 -18.57 16.73 37.06
N SER A 115 -19.88 16.90 36.87
CA SER A 115 -20.39 17.83 35.86
C SER A 115 -21.87 18.15 36.11
N VAL A 134 -23.74 -0.62 40.65
CA VAL A 134 -24.10 -1.79 41.46
C VAL A 134 -22.84 -2.55 41.88
N MET A 135 -22.83 -3.01 43.13
CA MET A 135 -21.70 -3.78 43.66
C MET A 135 -21.72 -5.20 43.10
N LEU A 136 -20.53 -5.79 42.96
CA LEU A 136 -20.38 -7.12 42.38
C LEU A 136 -19.69 -8.07 43.36
N PRO A 137 -19.84 -9.39 43.15
CA PRO A 137 -19.20 -10.39 44.04
C PRO A 137 -17.68 -10.21 44.18
N CYS A 138 -17.03 -9.86 43.07
CA CYS A 138 -15.57 -9.68 43.06
C CYS A 138 -15.12 -8.38 43.73
N GLY A 139 -16.04 -7.42 43.86
CA GLY A 139 -15.75 -6.14 44.52
C GLY A 139 -15.91 -4.92 43.63
N GLY A 140 -15.72 -5.10 42.32
CA GLY A 140 -15.82 -4.00 41.37
C GLY A 140 -17.24 -3.52 41.15
N VAL A 141 -17.37 -2.44 40.38
CA VAL A 141 -18.68 -1.86 40.07
C VAL A 141 -19.09 -2.25 38.66
N GLY A 142 -20.40 -2.37 38.43
CA GLY A 142 -20.93 -2.66 37.11
C GLY A 142 -22.43 -2.41 37.01
N VAL A 143 -23.00 -2.63 35.83
CA VAL A 143 -24.44 -2.53 35.65
C VAL A 143 -25.08 -3.86 36.05
N ASP A 144 -24.37 -4.96 35.79
CA ASP A 144 -24.78 -6.29 36.23
C ASP A 144 -23.54 -7.17 36.43
N THR A 145 -23.74 -8.43 36.77
CA THR A 145 -22.64 -9.36 37.07
C THR A 145 -21.66 -9.56 35.91
N ASP A 146 -22.19 -9.53 34.68
CA ASP A 146 -21.36 -9.70 33.47
C ASP A 146 -20.81 -8.38 32.93
N THR A 147 -21.64 -7.33 32.97
CA THR A 147 -21.30 -6.04 32.38
C THR A 147 -20.64 -5.13 33.42
N ILE A 148 -19.32 -5.14 33.45
CA ILE A 148 -18.55 -4.39 34.45
C ILE A 148 -18.44 -2.91 34.08
N TRP A 149 -17.98 -2.10 35.04
CA TRP A 149 -17.84 -0.66 34.82
C TRP A 149 -16.63 -0.08 35.55
N ASN A 150 -15.59 0.24 34.79
CA ASN A 150 -14.44 0.97 35.32
C ASN A 150 -14.80 2.45 35.41
N GLU A 151 -14.79 2.99 36.63
CA GLU A 151 -15.23 4.36 36.88
C GLU A 151 -14.33 5.43 36.25
N LEU A 152 -13.14 5.04 35.81
CA LEU A 152 -12.22 5.96 35.15
C LEU A 152 -12.14 5.80 33.63
N HIS A 153 -12.37 4.58 33.12
CA HIS A 153 -12.03 4.25 31.73
C HIS A 153 -13.14 3.68 30.83
N SER A 154 -14.13 3.03 31.41
CA SER A 154 -15.17 2.35 30.62
C SER A 154 -15.92 3.27 29.67
N SER A 155 -16.27 4.46 30.16
CA SER A 155 -17.00 5.44 29.36
C SER A 155 -16.18 5.86 28.14
N ASN A 156 -14.92 6.21 28.36
CA ASN A 156 -14.02 6.61 27.29
C ASN A 156 -13.82 5.53 26.24
N ALA A 157 -13.71 4.27 26.69
CA ALA A 157 -13.53 3.14 25.80
C ALA A 157 -14.80 2.86 24.96
N ALA A 158 -15.97 2.95 25.60
CA ALA A 158 -17.24 2.76 24.91
C ALA A 158 -17.50 3.88 23.90
N ARG A 159 -17.18 5.11 24.28
CA ARG A 159 -17.33 6.25 23.38
C ARG A 159 -16.36 6.19 22.21
N TRP A 160 -15.18 5.61 22.44
CA TRP A 160 -14.18 5.45 21.40
C TRP A 160 -14.59 4.38 20.39
N ALA A 161 -15.19 3.31 20.88
CA ALA A 161 -15.67 2.22 20.01
C ALA A 161 -16.80 2.71 19.10
N ALA A 162 -17.70 3.51 19.67
CA ALA A 162 -18.80 4.11 18.91
C ALA A 162 -18.26 5.11 17.88
N GLY A 163 -17.37 6.00 18.31
CA GLY A 163 -16.80 7.01 17.42
C GLY A 163 -15.95 6.44 16.32
N SER A 164 -15.20 5.39 16.62
CA SER A 164 -14.30 4.76 15.66
C SER A 164 -15.04 4.00 14.57
N VAL A 165 -16.10 3.27 14.94
CA VAL A 165 -16.95 2.60 13.97
C VAL A 165 -17.65 3.62 13.07
N THR A 166 -18.10 4.72 13.68
CA THR A 166 -18.72 5.82 12.95
C THR A 166 -17.72 6.47 11.99
N ASP A 167 -16.54 6.81 12.50
CA ASP A 167 -15.49 7.44 11.70
C ASP A 167 -15.10 6.57 10.50
N LEU A 168 -15.02 5.26 10.71
CA LEU A 168 -14.68 4.32 9.65
C LEU A 168 -15.79 4.20 8.61
N ALA A 169 -17.04 4.19 9.08
CA ALA A 169 -18.20 4.09 8.19
C ALA A 169 -18.32 5.30 7.26
N PHE A 170 -18.04 6.49 7.79
CA PHE A 170 -18.05 7.72 6.98
C PHE A 170 -17.00 7.70 5.88
N LYS A 171 -15.79 7.23 6.21
CA LYS A 171 -14.71 7.15 5.24
C LYS A 171 -14.99 6.12 4.14
N VAL A 172 -15.62 5.00 4.52
CA VAL A 172 -16.06 4.00 3.56
C VAL A 172 -17.25 4.51 2.75
N ALA A 173 -18.17 5.22 3.40
CA ALA A 173 -19.34 5.80 2.74
C ALA A 173 -18.95 6.88 1.73
N SER A 174 -17.98 7.72 2.10
CA SER A 174 -17.47 8.76 1.20
C SER A 174 -16.58 8.19 0.10
N ARG A 175 -16.20 6.92 0.25
CA ARG A 175 -15.41 6.19 -0.74
C ARG A 175 -13.93 6.61 -0.72
N GLU A 176 -13.48 7.14 0.42
CA GLU A 176 -12.05 7.37 0.66
C GLU A 176 -11.37 6.04 0.94
N LEU A 177 -12.09 5.16 1.64
CA LEU A 177 -11.66 3.78 1.87
C LEU A 177 -12.58 2.84 1.12
N LYS A 178 -12.03 1.72 0.65
CA LYS A 178 -12.81 0.69 -0.04
C LYS A 178 -13.78 0.02 0.94
N ASN A 179 -13.23 -0.43 2.06
CA ASN A 179 -14.00 -1.09 3.11
C ASN A 179 -13.22 -1.00 4.43
N GLY A 180 -13.70 -1.62 5.49
CA GLY A 180 -13.02 -1.50 6.79
C GLY A 180 -13.34 -2.58 7.80
N PHE A 181 -12.46 -2.68 8.81
CA PHE A 181 -12.60 -3.63 9.90
C PHE A 181 -12.26 -2.89 11.20
N ALA A 182 -13.22 -2.82 12.12
CA ALA A 182 -13.03 -2.12 13.38
C ALA A 182 -12.71 -3.09 14.51
N VAL A 183 -11.46 -3.06 14.98
CA VAL A 183 -11.03 -3.90 16.10
C VAL A 183 -11.35 -3.17 17.40
N VAL A 184 -12.64 -3.11 17.73
CA VAL A 184 -13.11 -2.30 18.85
C VAL A 184 -13.65 -3.14 20.01
N ARG A 185 -13.54 -2.57 21.21
CA ARG A 185 -14.23 -3.07 22.39
C ARG A 185 -14.49 -1.88 23.31
N PRO A 186 -15.51 -1.97 24.19
CA PRO A 186 -16.42 -3.09 24.37
C PRO A 186 -17.43 -3.22 23.22
N PRO A 187 -18.14 -4.35 23.13
CA PRO A 187 -19.14 -4.55 22.08
C PRO A 187 -20.36 -3.64 22.25
N GLY A 188 -21.28 -3.67 21.29
CA GLY A 188 -22.40 -2.73 21.27
C GLY A 188 -23.80 -3.26 21.01
N HIS A 189 -23.92 -4.36 20.28
CA HIS A 189 -25.22 -4.77 19.72
C HIS A 189 -26.29 -5.24 20.73
N HIS A 190 -25.91 -5.41 21.99
CA HIS A 190 -26.90 -5.69 23.04
C HIS A 190 -27.42 -4.42 23.72
N ALA A 191 -26.66 -3.34 23.64
CA ALA A 191 -27.07 -2.07 24.25
C ALA A 191 -28.26 -1.47 23.50
N ASP A 192 -29.38 -1.32 24.19
CA ASP A 192 -30.60 -0.76 23.58
C ASP A 192 -30.79 0.70 23.98
N HIS A 193 -31.94 1.27 23.63
CA HIS A 193 -32.22 2.71 23.81
C HIS A 193 -31.88 3.23 25.21
N SER A 194 -32.23 2.47 26.25
CA SER A 194 -31.99 2.92 27.63
C SER A 194 -31.50 1.79 28.55
N THR A 195 -30.74 0.84 28.02
CA THR A 195 -30.23 -0.28 28.82
C THR A 195 -28.86 -0.76 28.35
N ALA A 196 -27.89 -0.71 29.25
CA ALA A 196 -26.60 -1.37 29.02
C ALA A 196 -26.74 -2.80 29.52
N MET A 197 -26.34 -3.76 28.69
CA MET A 197 -26.48 -5.18 29.02
C MET A 197 -25.59 -6.04 28.13
N GLY A 198 -25.20 -7.21 28.63
CA GLY A 198 -24.41 -8.17 27.86
C GLY A 198 -23.09 -7.60 27.36
N PHE A 199 -22.31 -7.04 28.29
CA PHE A 199 -21.00 -6.45 27.99
C PHE A 199 -21.07 -5.20 27.08
N CYS A 200 -22.27 -4.68 26.84
CA CYS A 200 -22.46 -3.56 25.91
C CYS A 200 -22.98 -2.32 26.62
N PHE A 201 -22.59 -1.15 26.12
CA PHE A 201 -22.97 0.14 26.73
C PHE A 201 -23.59 1.05 25.69
N PHE A 202 -22.89 1.27 24.58
CA PHE A 202 -23.42 2.00 23.44
C PHE A 202 -23.37 1.10 22.21
N ASN A 203 -24.43 1.13 21.40
CA ASN A 203 -24.51 0.34 20.18
C ASN A 203 -23.76 1.05 19.05
N SER A 204 -22.46 0.79 18.98
CA SER A 204 -21.56 1.43 18.01
C SER A 204 -22.04 1.33 16.57
N VAL A 205 -22.50 0.14 16.18
CA VAL A 205 -22.99 -0.10 14.82
C VAL A 205 -24.27 0.71 14.54
N ALA A 206 -25.17 0.75 15.51
CA ALA A 206 -26.42 1.52 15.38
C ALA A 206 -26.15 3.02 15.33
N ILE A 207 -25.20 3.49 16.13
CA ILE A 207 -24.82 4.90 16.13
C ILE A 207 -24.18 5.28 14.78
N ALA A 208 -23.29 4.43 14.29
CA ALA A 208 -22.66 4.64 12.98
C ALA A 208 -23.70 4.70 11.87
N CYS A 209 -24.69 3.81 11.92
CA CYS A 209 -25.77 3.77 10.94
C CYS A 209 -26.62 5.04 10.98
N ARG A 210 -27.01 5.47 12.19
CA ARG A 210 -27.82 6.67 12.37
CA ARG A 210 -27.82 6.67 12.37
C ARG A 210 -27.11 7.93 11.86
N GLN A 211 -25.81 8.03 12.12
CA GLN A 211 -25.03 9.19 11.69
C GLN A 211 -24.86 9.25 10.17
N LEU A 212 -24.66 8.08 9.53
CA LEU A 212 -24.64 8.00 8.08
C LEU A 212 -25.93 8.55 7.45
N GLN A 213 -27.07 8.21 8.05
CA GLN A 213 -28.38 8.67 7.58
C GLN A 213 -28.57 10.16 7.79
N GLN A 214 -28.27 10.63 9.00
CA GLN A 214 -28.52 12.03 9.39
C GLN A 214 -27.60 13.03 8.69
N GLN A 215 -26.45 12.56 8.22
CA GLN A 215 -25.53 13.38 7.43
C GLN A 215 -25.67 13.14 5.92
N SER A 216 -26.67 12.34 5.54
CA SER A 216 -27.00 12.08 4.13
C SER A 216 -25.87 11.46 3.31
N LYS A 217 -25.12 10.54 3.93
CA LYS A 217 -24.02 9.85 3.26
C LYS A 217 -24.41 8.45 2.76
N ALA A 218 -25.61 7.99 3.13
CA ALA A 218 -26.13 6.70 2.66
C ALA A 218 -27.64 6.64 2.86
N SER A 219 -28.36 6.33 1.78
CA SER A 219 -29.82 6.26 1.82
C SER A 219 -30.26 4.95 2.48
N LYS A 220 -29.88 3.82 1.88
CA LYS A 220 -30.24 2.50 2.39
C LYS A 220 -29.02 1.81 3.00
N ILE A 221 -29.18 1.29 4.21
CA ILE A 221 -28.08 0.64 4.92
C ILE A 221 -28.47 -0.76 5.36
N LEU A 222 -27.63 -1.74 5.04
CA LEU A 222 -27.82 -3.11 5.49
C LEU A 222 -26.93 -3.37 6.70
N ILE A 223 -27.54 -3.82 7.80
CA ILE A 223 -26.81 -4.27 8.97
C ILE A 223 -26.91 -5.79 9.05
N VAL A 224 -25.77 -6.46 8.90
CA VAL A 224 -25.69 -7.90 9.09
C VAL A 224 -24.98 -8.21 10.40
N ASP A 225 -25.55 -9.11 11.17
CA ASP A 225 -25.05 -9.41 12.50
C ASP A 225 -24.92 -10.93 12.63
N TRP A 226 -23.71 -11.44 12.43
CA TRP A 226 -23.46 -12.89 12.49
C TRP A 226 -22.84 -13.36 13.81
N ASP A 227 -22.80 -12.48 14.80
CA ASP A 227 -22.49 -12.87 16.18
C ASP A 227 -23.54 -13.88 16.62
N VAL A 228 -23.15 -14.88 17.41
CA VAL A 228 -24.06 -15.97 17.77
C VAL A 228 -25.27 -15.52 18.61
N HIS A 229 -25.14 -14.39 19.30
CA HIS A 229 -26.24 -13.84 20.10
C HIS A 229 -27.05 -12.83 19.31
N HIS A 230 -28.32 -12.67 19.66
CA HIS A 230 -29.19 -11.72 18.96
C HIS A 230 -28.87 -10.28 19.36
N GLY A 231 -28.72 -9.41 18.36
CA GLY A 231 -28.48 -7.99 18.60
C GLY A 231 -29.78 -7.28 18.94
N ASN A 232 -30.25 -7.49 20.16
CA ASN A 232 -31.52 -6.92 20.63
C ASN A 232 -31.57 -5.39 20.52
N GLY A 233 -30.43 -4.74 20.77
CA GLY A 233 -30.34 -3.29 20.71
C GLY A 233 -30.52 -2.77 19.29
N THR A 234 -29.83 -3.42 18.35
CA THR A 234 -29.91 -3.04 16.93
C THR A 234 -31.32 -3.27 16.37
N GLN A 235 -31.94 -4.39 16.75
CA GLN A 235 -33.31 -4.66 16.32
C GLN A 235 -34.28 -3.60 16.81
N GLN A 236 -34.15 -3.20 18.07
CA GLN A 236 -35.03 -2.20 18.68
C GLN A 236 -34.88 -0.84 18.02
N THR A 237 -33.64 -0.41 17.83
CA THR A 237 -33.33 0.92 17.29
C THR A 237 -33.98 1.16 15.93
N PHE A 238 -33.88 0.16 15.04
CA PHE A 238 -34.31 0.32 13.66
C PHE A 238 -35.59 -0.47 13.33
N TYR A 239 -36.38 -0.82 14.35
CA TYR A 239 -37.54 -1.69 14.16
C TYR A 239 -38.61 -1.12 13.23
N GLN A 240 -38.77 0.21 13.25
CA GLN A 240 -39.81 0.88 12.46
C GLN A 240 -39.26 1.65 11.25
N ASP A 241 -37.99 1.41 10.91
CA ASP A 241 -37.31 2.17 9.85
C ASP A 241 -37.06 1.26 8.63
N PRO A 242 -37.73 1.54 7.50
CA PRO A 242 -37.54 0.73 6.29
C PRO A 242 -36.26 1.04 5.52
N SER A 243 -35.59 2.16 5.83
CA SER A 243 -34.34 2.51 5.18
C SER A 243 -33.15 1.72 5.75
N VAL A 244 -33.37 1.02 6.86
CA VAL A 244 -32.36 0.14 7.44
C VAL A 244 -32.87 -1.29 7.43
N LEU A 245 -32.08 -2.19 6.86
CA LEU A 245 -32.40 -3.62 6.86
C LEU A 245 -31.46 -4.33 7.85
N TYR A 246 -32.05 -5.06 8.78
CA TYR A 246 -31.29 -5.77 9.81
C TYR A 246 -31.51 -7.27 9.63
N ILE A 247 -30.41 -7.98 9.34
CA ILE A 247 -30.45 -9.43 9.19
C ILE A 247 -29.54 -10.06 10.24
N SER A 248 -30.14 -10.83 11.16
CA SER A 248 -29.38 -11.48 12.23
C SER A 248 -29.41 -13.00 12.06
N LEU A 249 -28.24 -13.62 12.20
CA LEU A 249 -28.13 -15.07 12.36
C LEU A 249 -27.75 -15.33 13.82
N HIS A 250 -28.58 -16.07 14.55
CA HIS A 250 -28.29 -16.34 15.97
C HIS A 250 -28.92 -17.63 16.48
N ARG A 251 -28.28 -18.19 17.51
CA ARG A 251 -28.85 -19.29 18.26
C ARG A 251 -30.03 -18.74 19.05
N HIS A 252 -31.22 -19.26 18.78
CA HIS A 252 -32.43 -18.81 19.45
C HIS A 252 -32.93 -19.88 20.41
N ASP A 253 -33.08 -21.10 19.90
CA ASP A 253 -33.55 -22.24 20.70
C ASP A 253 -34.81 -21.91 21.49
N ASP A 254 -35.74 -21.23 20.82
CA ASP A 254 -37.06 -20.90 21.38
C ASP A 254 -36.97 -20.02 22.63
N GLY A 255 -36.06 -19.05 22.61
CA GLY A 255 -35.93 -18.08 23.70
C GLY A 255 -35.04 -18.49 24.86
N ASN A 256 -34.48 -19.70 24.80
CA ASN A 256 -33.64 -20.23 25.88
C ASN A 256 -32.15 -20.01 25.64
N PHE A 257 -31.79 -18.81 25.19
CA PHE A 257 -30.40 -18.43 24.93
C PHE A 257 -30.30 -16.91 24.87
N PHE A 258 -29.24 -16.35 25.43
CA PHE A 258 -29.12 -14.90 25.60
C PHE A 258 -29.12 -14.19 24.23
N PRO A 259 -29.82 -13.05 24.13
CA PRO A 259 -30.62 -12.35 25.14
C PRO A 259 -32.05 -12.88 25.29
N GLY A 260 -32.46 -13.81 24.44
CA GLY A 260 -33.80 -14.39 24.48
C GLY A 260 -34.75 -13.79 23.46
N SER A 261 -34.31 -12.76 22.76
CA SER A 261 -35.11 -12.08 21.74
C SER A 261 -34.66 -12.51 20.35
N GLY A 262 -35.37 -12.03 19.34
CA GLY A 262 -35.00 -12.26 17.94
C GLY A 262 -35.68 -13.48 17.34
N ALA A 263 -36.95 -13.67 17.66
CA ALA A 263 -37.74 -14.74 17.07
C ALA A 263 -38.00 -14.43 15.61
N VAL A 264 -38.32 -15.46 14.83
CA VAL A 264 -38.58 -15.31 13.40
C VAL A 264 -39.81 -14.41 13.13
N ASP A 265 -40.74 -14.39 14.07
CA ASP A 265 -41.97 -13.59 13.95
C ASP A 265 -41.70 -12.08 14.01
N GLU A 266 -40.60 -11.68 14.63
CA GLU A 266 -40.25 -10.27 14.80
C GLU A 266 -39.69 -9.70 13.51
N VAL A 267 -40.59 -9.15 12.68
CA VAL A 267 -40.26 -8.70 11.33
C VAL A 267 -40.20 -7.17 11.18
N GLY A 268 -40.42 -6.45 12.27
CA GLY A 268 -40.50 -4.99 12.23
C GLY A 268 -41.94 -4.52 12.39
N ALA A 269 -42.13 -3.20 12.41
CA ALA A 269 -43.45 -2.61 12.62
C ALA A 269 -43.63 -1.30 11.86
N GLY A 270 -44.88 -0.99 11.52
CA GLY A 270 -45.20 0.21 10.77
C GLY A 270 -44.59 0.17 9.38
N SER A 271 -43.84 1.22 9.03
CA SER A 271 -43.16 1.29 7.74
C SER A 271 -42.04 0.25 7.63
N GLY A 272 -41.45 -0.12 8.78
CA GLY A 272 -40.34 -1.07 8.81
C GLY A 272 -40.71 -2.55 8.82
N GLU A 273 -41.97 -2.87 8.54
CA GLU A 273 -42.42 -4.26 8.50
C GLU A 273 -41.74 -5.02 7.37
N GLY A 274 -41.12 -6.15 7.72
CA GLY A 274 -40.40 -6.98 6.75
C GLY A 274 -38.92 -6.65 6.62
N PHE A 275 -38.51 -5.50 7.17
CA PHE A 275 -37.12 -5.06 7.08
C PHE A 275 -36.28 -5.49 8.31
N ASN A 276 -36.86 -6.32 9.17
CA ASN A 276 -36.10 -6.98 10.24
C ASN A 276 -36.16 -8.50 10.03
N VAL A 277 -35.02 -9.10 9.69
CA VAL A 277 -34.96 -10.53 9.38
C VAL A 277 -34.14 -11.27 10.42
N ASN A 278 -34.81 -12.11 11.21
CA ASN A 278 -34.15 -12.95 12.19
C ASN A 278 -34.01 -14.38 11.70
N VAL A 279 -32.78 -14.76 11.35
CA VAL A 279 -32.48 -16.15 11.07
C VAL A 279 -32.22 -16.82 12.42
N ALA A 280 -33.31 -17.23 13.08
CA ALA A 280 -33.25 -17.77 14.42
C ALA A 280 -33.08 -19.29 14.38
N TRP A 281 -31.86 -19.75 14.68
CA TRP A 281 -31.58 -21.19 14.72
C TRP A 281 -32.25 -21.83 15.92
N ALA A 282 -32.93 -22.95 15.70
CA ALA A 282 -33.54 -23.74 16.76
C ALA A 282 -33.00 -25.17 16.71
N GLY A 283 -33.42 -26.00 17.65
CA GLY A 283 -33.07 -27.42 17.66
C GLY A 283 -31.99 -27.80 18.64
N GLY A 284 -31.00 -26.92 18.81
CA GLY A 284 -29.93 -27.13 19.77
C GLY A 284 -28.55 -27.29 19.13
N LEU A 285 -27.64 -27.93 19.86
CA LEU A 285 -26.26 -28.09 19.42
C LEU A 285 -26.00 -29.40 18.67
N ASP A 286 -26.94 -30.34 18.76
CA ASP A 286 -26.81 -31.62 18.07
C ASP A 286 -28.00 -31.82 17.12
N PRO A 287 -27.73 -32.04 15.81
CA PRO A 287 -26.43 -32.10 15.14
C PRO A 287 -25.71 -30.74 15.05
N PRO A 288 -24.40 -30.75 14.80
CA PRO A 288 -23.57 -29.53 14.89
C PRO A 288 -23.96 -28.43 13.90
N MET A 289 -23.96 -27.19 14.39
CA MET A 289 -24.19 -26.01 13.56
C MET A 289 -22.86 -25.44 13.14
N GLY A 290 -22.65 -25.29 11.82
CA GLY A 290 -21.37 -24.81 11.30
C GLY A 290 -21.48 -24.22 9.91
N ASP A 291 -20.51 -24.55 9.06
CA ASP A 291 -20.37 -23.92 7.73
C ASP A 291 -21.54 -24.19 6.79
N PRO A 292 -21.95 -25.47 6.66
CA PRO A 292 -23.05 -25.77 5.73
C PRO A 292 -24.35 -25.02 6.05
N GLU A 293 -24.60 -24.79 7.34
CA GLU A 293 -25.82 -24.12 7.80
C GLU A 293 -25.76 -22.63 7.53
N TYR A 294 -24.61 -22.02 7.80
CA TYR A 294 -24.42 -20.59 7.58
C TYR A 294 -24.28 -20.24 6.11
N LEU A 295 -23.59 -21.09 5.35
CA LEU A 295 -23.53 -20.93 3.90
C LEU A 295 -24.92 -21.01 3.27
N ALA A 296 -25.70 -21.99 3.71
CA ALA A 296 -27.10 -22.13 3.28
C ALA A 296 -27.92 -20.91 3.66
N ALA A 297 -27.67 -20.36 4.84
CA ALA A 297 -28.35 -19.15 5.30
C ALA A 297 -28.06 -17.96 4.40
N PHE A 298 -26.82 -17.87 3.90
CA PHE A 298 -26.42 -16.79 2.99
C PHE A 298 -26.99 -16.95 1.58
N ARG A 299 -26.98 -18.17 1.06
CA ARG A 299 -27.54 -18.44 -0.27
C ARG A 299 -29.05 -18.20 -0.33
N ILE A 300 -29.77 -18.62 0.71
CA ILE A 300 -31.23 -18.71 0.69
C ILE A 300 -31.92 -17.46 1.25
N VAL A 301 -31.36 -16.88 2.31
CA VAL A 301 -32.00 -15.77 3.01
C VAL A 301 -31.23 -14.44 2.90
N VAL A 302 -29.98 -14.44 3.36
CA VAL A 302 -29.25 -13.18 3.56
C VAL A 302 -28.97 -12.42 2.28
N MET A 303 -28.32 -13.07 1.30
CA MET A 303 -27.95 -12.40 0.05
C MET A 303 -29.13 -12.06 -0.85
N PRO A 304 -30.09 -12.98 -1.03
CA PRO A 304 -31.27 -12.64 -1.84
C PRO A 304 -32.04 -11.42 -1.31
N ILE A 305 -32.28 -11.37 0.00
CA ILE A 305 -32.97 -10.22 0.60
C ILE A 305 -32.11 -8.96 0.49
N ALA A 306 -30.81 -9.12 0.75
CA ALA A 306 -29.86 -8.00 0.64
C ALA A 306 -29.81 -7.42 -0.78
N ARG A 307 -29.82 -8.29 -1.78
CA ARG A 307 -29.81 -7.87 -3.19
C ARG A 307 -31.13 -7.21 -3.60
N GLU A 308 -32.24 -7.74 -3.09
CA GLU A 308 -33.56 -7.14 -3.34
C GLU A 308 -33.67 -5.77 -2.66
N PHE A 309 -33.05 -5.64 -1.49
CA PHE A 309 -32.99 -4.38 -0.77
C PHE A 309 -32.03 -3.39 -1.44
N SER A 310 -30.90 -3.89 -1.91
CA SER A 310 -29.91 -3.10 -2.67
C SER A 310 -29.39 -1.91 -1.86
N PRO A 311 -28.59 -2.18 -0.81
CA PRO A 311 -28.08 -1.13 0.07
C PRO A 311 -26.98 -0.28 -0.53
N ASP A 312 -26.81 0.93 0.01
CA ASP A 312 -25.71 1.82 -0.37
C ASP A 312 -24.47 1.61 0.50
N LEU A 313 -24.66 0.99 1.66
CA LEU A 313 -23.56 0.65 2.55
C LEU A 313 -23.94 -0.52 3.45
N VAL A 314 -22.99 -1.43 3.70
CA VAL A 314 -23.21 -2.59 4.54
C VAL A 314 -22.39 -2.50 5.83
N LEU A 315 -23.08 -2.58 6.97
CA LEU A 315 -22.42 -2.63 8.27
C LEU A 315 -22.53 -4.05 8.82
N VAL A 316 -21.46 -4.54 9.44
CA VAL A 316 -21.44 -5.89 9.97
C VAL A 316 -21.07 -5.90 11.45
N SER A 317 -22.03 -6.31 12.28
CA SER A 317 -21.74 -6.63 13.67
C SER A 317 -21.02 -7.98 13.66
N ALA A 318 -19.70 -7.92 13.56
CA ALA A 318 -18.87 -9.09 13.34
C ALA A 318 -18.39 -9.74 14.64
N GLY A 319 -19.29 -10.49 15.28
CA GLY A 319 -18.92 -11.32 16.41
C GLY A 319 -18.42 -12.66 15.90
N PHE A 320 -17.46 -13.25 16.62
CA PHE A 320 -16.90 -14.54 16.24
C PHE A 320 -17.09 -15.60 17.33
N ASP A 321 -18.20 -15.49 18.06
CA ASP A 321 -18.53 -16.46 19.11
C ASP A 321 -19.36 -17.64 18.60
N ALA A 322 -19.65 -17.64 17.30
CA ALA A 322 -20.22 -18.82 16.62
C ALA A 322 -19.11 -19.73 16.09
N ALA A 323 -17.85 -19.30 16.25
CA ALA A 323 -16.71 -20.05 15.76
C ALA A 323 -16.40 -21.28 16.62
N GLU A 324 -15.56 -22.16 16.08
CA GLU A 324 -15.06 -23.33 16.80
C GLU A 324 -14.22 -22.86 17.99
N GLY A 325 -14.38 -23.53 19.13
CA GLY A 325 -13.65 -23.18 20.35
C GLY A 325 -14.51 -22.50 21.41
N HIS A 326 -15.78 -22.28 21.10
CA HIS A 326 -16.73 -21.69 22.04
C HIS A 326 -17.75 -22.74 22.46
N PRO A 327 -17.62 -23.25 23.70
CA PRO A 327 -18.55 -24.27 24.17
C PRO A 327 -19.85 -23.66 24.69
N ALA A 328 -20.84 -24.50 24.99
CA ALA A 328 -22.09 -24.01 25.57
C ALA A 328 -21.86 -23.64 27.04
N PRO A 329 -22.61 -22.63 27.56
CA PRO A 329 -23.60 -21.80 26.88
C PRO A 329 -23.06 -20.45 26.40
N LEU A 330 -21.87 -20.46 25.78
CA LEU A 330 -21.33 -19.27 25.14
C LEU A 330 -21.69 -19.25 23.66
N GLY A 331 -21.59 -20.41 23.01
CA GLY A 331 -21.95 -20.55 21.60
C GLY A 331 -22.29 -21.98 21.25
N GLY A 332 -21.28 -22.84 21.20
CA GLY A 332 -21.45 -24.26 20.88
C GLY A 332 -21.58 -24.54 19.40
N TYR A 333 -21.16 -23.59 18.57
CA TYR A 333 -21.23 -23.70 17.11
C TYR A 333 -19.84 -23.96 16.54
N HIS A 334 -19.78 -24.35 15.27
CA HIS A 334 -18.54 -24.81 14.64
C HIS A 334 -18.24 -24.10 13.32
N VAL A 335 -18.48 -22.79 13.28
CA VAL A 335 -18.20 -21.99 12.07
C VAL A 335 -16.69 -21.80 11.93
N SER A 336 -16.14 -22.18 10.79
CA SER A 336 -14.70 -22.06 10.55
C SER A 336 -14.33 -20.61 10.18
N ALA A 337 -13.05 -20.29 10.32
CA ALA A 337 -12.52 -18.98 9.94
C ALA A 337 -12.69 -18.69 8.45
N LYS A 338 -12.55 -19.74 7.64
CA LYS A 338 -12.69 -19.64 6.18
C LYS A 338 -14.11 -19.24 5.78
N CYS A 339 -15.09 -19.71 6.54
CA CYS A 339 -16.50 -19.37 6.32
C CYS A 339 -16.79 -17.89 6.63
N PHE A 340 -16.17 -17.38 7.71
CA PHE A 340 -16.32 -15.97 8.08
C PHE A 340 -15.73 -15.05 7.01
N GLY A 341 -14.56 -15.40 6.51
CA GLY A 341 -13.92 -14.66 5.43
C GLY A 341 -14.71 -14.74 4.14
N TYR A 342 -15.37 -15.86 3.91
CA TYR A 342 -16.18 -16.06 2.71
C TYR A 342 -17.49 -15.29 2.80
N MET A 343 -18.12 -15.30 3.97
CA MET A 343 -19.32 -14.49 4.22
C MET A 343 -19.02 -13.01 4.01
N THR A 344 -17.82 -12.58 4.41
CA THR A 344 -17.36 -11.21 4.19
C THR A 344 -17.25 -10.93 2.69
N GLN A 345 -16.63 -11.86 1.96
CA GLN A 345 -16.46 -11.75 0.52
C GLN A 345 -17.81 -11.61 -0.20
N GLN A 346 -18.82 -12.34 0.28
CA GLN A 346 -20.16 -12.27 -0.31
C GLN A 346 -20.82 -10.91 -0.11
N LEU A 347 -20.63 -10.31 1.07
CA LEU A 347 -21.19 -8.99 1.36
C LEU A 347 -20.49 -7.87 0.58
N MET A 348 -19.25 -8.10 0.17
CA MET A 348 -18.50 -7.13 -0.63
C MET A 348 -19.06 -6.94 -2.05
N ASN A 349 -19.90 -7.88 -2.49
CA ASN A 349 -20.61 -7.75 -3.76
C ASN A 349 -21.76 -6.72 -3.69
N LEU A 350 -22.20 -6.40 -2.49
CA LEU A 350 -23.26 -5.42 -2.27
C LEU A 350 -22.69 -4.01 -2.10
N ALA A 351 -23.52 -3.01 -2.40
CA ALA A 351 -23.20 -1.61 -2.15
C ALA A 351 -21.90 -1.12 -2.79
N GLY A 352 -21.56 -1.68 -3.95
CA GLY A 352 -20.32 -1.35 -4.64
C GLY A 352 -19.07 -1.51 -3.78
N GLY A 353 -19.08 -2.50 -2.89
CA GLY A 353 -17.95 -2.78 -2.01
C GLY A 353 -17.91 -2.03 -0.71
N ALA A 354 -18.91 -1.18 -0.45
CA ALA A 354 -18.95 -0.39 0.78
C ALA A 354 -19.33 -1.25 1.98
N VAL A 355 -18.33 -1.86 2.61
CA VAL A 355 -18.54 -2.79 3.72
C VAL A 355 -17.68 -2.42 4.94
N VAL A 356 -18.29 -2.44 6.12
CA VAL A 356 -17.59 -2.13 7.37
C VAL A 356 -17.90 -3.17 8.42
N LEU A 357 -16.89 -3.88 8.88
CA LEU A 357 -17.04 -4.84 9.99
C LEU A 357 -16.64 -4.19 11.30
N ALA A 358 -17.45 -4.42 12.33
CA ALA A 358 -17.12 -3.97 13.68
C ALA A 358 -17.13 -5.19 14.60
N LEU A 359 -16.06 -5.35 15.38
CA LEU A 359 -15.95 -6.49 16.29
C LEU A 359 -17.03 -6.41 17.35
N GLU A 360 -17.66 -7.55 17.62
CA GLU A 360 -18.65 -7.67 18.69
C GLU A 360 -18.16 -8.73 19.69
N GLY A 361 -18.68 -9.96 19.60
CA GLY A 361 -18.33 -11.03 20.53
C GLY A 361 -17.19 -11.92 20.03
N GLY A 362 -16.91 -12.97 20.81
CA GLY A 362 -15.82 -13.89 20.53
C GLY A 362 -14.81 -13.88 21.65
N HIS A 363 -14.58 -15.04 22.26
CA HIS A 363 -13.70 -15.17 23.43
C HIS A 363 -12.40 -15.88 23.09
N ASP A 364 -12.51 -17.11 22.58
CA ASP A 364 -11.35 -17.95 22.28
C ASP A 364 -10.38 -17.17 21.39
N LEU A 365 -9.19 -16.90 21.92
CA LEU A 365 -8.21 -16.04 21.25
C LEU A 365 -7.79 -16.57 19.89
N THR A 366 -7.57 -17.87 19.79
CA THR A 366 -7.20 -18.50 18.51
C THR A 366 -8.34 -18.38 17.50
N ALA A 367 -9.55 -18.71 17.95
CA ALA A 367 -10.73 -18.70 17.07
C ALA A 367 -11.05 -17.32 16.50
N ILE A 368 -11.00 -16.30 17.35
CA ILE A 368 -11.32 -14.93 16.93
C ILE A 368 -10.19 -14.30 16.12
N CYS A 369 -8.94 -14.74 16.38
CA CYS A 369 -7.79 -14.30 15.59
C CYS A 369 -7.81 -14.91 14.19
N ASP A 370 -8.06 -16.22 14.11
CA ASP A 370 -8.24 -16.90 12.83
C ASP A 370 -9.33 -16.23 12.00
N ALA A 371 -10.49 -16.04 12.61
CA ALA A 371 -11.66 -15.47 11.93
C ALA A 371 -11.42 -14.02 11.50
N SER A 372 -10.83 -13.22 12.39
CA SER A 372 -10.51 -11.82 12.09
C SER A 372 -9.53 -11.71 10.91
N GLU A 373 -8.56 -12.62 10.87
CA GLU A 373 -7.58 -12.67 9.80
C GLU A 373 -8.25 -12.93 8.46
N ALA A 374 -9.13 -13.92 8.42
CA ALA A 374 -9.82 -14.31 7.18
C ALA A 374 -10.74 -13.21 6.66
N CYS A 375 -11.35 -12.45 7.57
CA CYS A 375 -12.21 -11.33 7.18
C CYS A 375 -11.42 -10.16 6.59
N VAL A 376 -10.29 -9.83 7.22
CA VAL A 376 -9.43 -8.76 6.74
C VAL A 376 -8.82 -9.11 5.38
N ALA A 377 -8.40 -10.37 5.23
CA ALA A 377 -7.90 -10.87 3.96
C ALA A 377 -8.95 -10.77 2.86
N ALA A 378 -10.19 -11.13 3.19
CA ALA A 378 -11.32 -10.98 2.27
C ALA A 378 -11.49 -9.52 1.86
N LEU A 379 -11.48 -8.63 2.84
CA LEU A 379 -11.56 -7.18 2.60
C LEU A 379 -10.46 -6.69 1.65
N LEU A 380 -9.25 -7.22 1.78
CA LEU A 380 -8.12 -6.83 0.95
C LEU A 380 -8.19 -7.40 -0.48
N GLY A 381 -9.11 -8.33 -0.72
CA GLY A 381 -9.35 -8.85 -2.06
C GLY A 381 -9.03 -10.33 -2.25
N ASN A 382 -8.53 -10.98 -1.20
CA ASN A 382 -8.23 -12.42 -1.27
C ASN A 382 -9.52 -13.22 -1.29
N ARG A 383 -9.66 -14.09 -2.29
CA ARG A 383 -10.89 -14.83 -2.54
C ARG A 383 -10.78 -16.26 -2.01
N VAL A 384 -11.87 -16.77 -1.46
CA VAL A 384 -11.94 -18.14 -0.98
C VAL A 384 -12.62 -19.04 -2.01
N ASP A 385 -11.91 -20.08 -2.44
CA ASP A 385 -12.46 -21.06 -3.39
C ASP A 385 -13.38 -22.02 -2.63
N PRO A 386 -14.69 -22.03 -2.97
CA PRO A 386 -15.63 -22.91 -2.25
C PRO A 386 -15.38 -24.40 -2.46
N LEU A 387 -14.76 -24.78 -3.57
CA LEU A 387 -14.45 -26.19 -3.86
C LEU A 387 -13.17 -26.68 -3.16
N SER A 388 -12.44 -25.78 -2.52
CA SER A 388 -11.17 -26.13 -1.87
C SER A 388 -11.34 -26.77 -0.48
N GLU A 389 -12.57 -26.82 0.03
CA GLU A 389 -12.82 -27.34 1.37
C GLU A 389 -13.91 -28.41 1.37
N GLU A 390 -13.53 -29.63 1.74
CA GLU A 390 -14.51 -30.69 1.98
C GLU A 390 -15.29 -30.37 3.25
N GLY A 391 -16.53 -30.83 3.33
CA GLY A 391 -17.42 -30.47 4.44
C GLY A 391 -18.41 -29.40 4.02
N TRP A 392 -17.97 -28.50 3.14
CA TRP A 392 -18.87 -27.54 2.50
C TRP A 392 -19.73 -28.24 1.45
N LYS A 393 -19.33 -29.45 1.06
CA LYS A 393 -20.11 -30.30 0.18
C LYS A 393 -21.29 -30.97 0.91
N GLN A 394 -21.22 -31.02 2.25
CA GLN A 394 -22.30 -31.59 3.06
C GLN A 394 -23.52 -30.66 3.08
N LYS A 395 -24.70 -31.26 3.12
CA LYS A 395 -25.94 -30.50 3.21
C LYS A 395 -26.14 -30.00 4.63
N PRO A 396 -26.89 -28.89 4.81
CA PRO A 396 -27.17 -28.40 6.15
C PRO A 396 -28.10 -29.34 6.92
N ASN A 397 -27.94 -29.40 8.23
CA ASN A 397 -28.71 -30.34 9.06
C ASN A 397 -30.20 -30.00 9.11
N LEU A 398 -30.99 -30.96 9.57
CA LEU A 398 -32.44 -30.85 9.59
C LEU A 398 -32.94 -29.67 10.45
N ASN A 399 -32.26 -29.42 11.56
CA ASN A 399 -32.63 -28.31 12.44
C ASN A 399 -32.49 -26.95 11.76
N ALA A 400 -31.42 -26.77 11.00
CA ALA A 400 -31.17 -25.53 10.27
C ALA A 400 -32.16 -25.33 9.11
N ILE A 401 -32.51 -26.43 8.44
CA ILE A 401 -33.48 -26.38 7.34
C ILE A 401 -34.87 -25.97 7.85
N ARG A 402 -35.30 -26.56 8.97
CA ARG A 402 -36.57 -26.20 9.59
C ARG A 402 -36.59 -24.75 10.06
N SER A 403 -35.44 -24.26 10.54
CA SER A 403 -35.31 -22.88 10.97
C SER A 403 -35.43 -21.90 9.81
N LEU A 404 -34.77 -22.22 8.69
CA LEU A 404 -34.85 -21.41 7.48
C LEU A 404 -36.25 -21.47 6.86
N GLU A 405 -36.90 -22.63 6.97
CA GLU A 405 -38.30 -22.78 6.55
C GLU A 405 -39.19 -21.79 7.28
N ALA A 406 -38.94 -21.62 8.58
CA ALA A 406 -39.69 -20.65 9.39
C ALA A 406 -39.42 -19.21 8.94
N VAL A 407 -38.17 -18.93 8.57
CA VAL A 407 -37.79 -17.60 8.10
C VAL A 407 -38.44 -17.28 6.75
N ILE A 408 -38.47 -18.26 5.86
CA ILE A 408 -39.07 -18.10 4.53
C ILE A 408 -40.59 -17.93 4.60
N ARG A 409 -41.24 -18.75 5.42
CA ARG A 409 -42.70 -18.70 5.57
C ARG A 409 -43.17 -17.33 6.10
N VAL A 410 -42.42 -16.78 7.04
CA VAL A 410 -42.76 -15.49 7.64
C VAL A 410 -42.52 -14.33 6.66
N HIS A 411 -41.36 -14.34 6.01
CA HIS A 411 -40.95 -13.22 5.14
C HIS A 411 -41.41 -13.34 3.68
N SER A 412 -42.21 -14.37 3.38
CA SER A 412 -42.86 -14.48 2.08
C SER A 412 -43.96 -13.42 1.91
N LYS A 413 -44.39 -12.83 3.02
CA LYS A 413 -45.34 -11.72 3.01
C LYS A 413 -44.71 -10.43 2.49
N TYR A 414 -43.39 -10.29 2.61
CA TYR A 414 -42.70 -9.03 2.36
C TYR A 414 -41.72 -9.03 1.18
N TRP A 415 -41.06 -10.17 0.93
CA TRP A 415 -39.99 -10.22 -0.07
C TRP A 415 -40.28 -11.18 -1.21
N GLY A 416 -40.04 -10.71 -2.44
CA GLY A 416 -40.27 -11.51 -3.65
C GLY A 416 -39.43 -12.76 -3.73
N CYS A 417 -38.18 -12.67 -3.26
CA CYS A 417 -37.27 -13.81 -3.26
C CYS A 417 -37.66 -14.89 -2.23
N MET A 418 -38.54 -14.53 -1.29
CA MET A 418 -39.08 -15.49 -0.33
C MET A 418 -40.45 -16.06 -0.75
N GLN A 419 -41.01 -15.54 -1.85
CA GLN A 419 -42.32 -15.97 -2.34
C GLN A 419 -42.22 -17.15 -3.30
N ARG A 420 -42.77 -18.29 -2.89
CA ARG A 420 -42.76 -19.51 -3.70
C ARG A 420 -44.15 -20.13 -3.76
N LEU A 421 -44.30 -21.14 -4.60
CA LEU A 421 -45.57 -21.87 -4.76
C LEU A 421 -45.79 -22.82 -3.59
N PRO B 37 18.94 5.08 -10.91
CA PRO B 37 19.88 5.24 -9.77
C PRO B 37 21.15 4.42 -10.03
N PHE B 38 22.31 5.06 -9.85
CA PHE B 38 23.61 4.37 -10.02
C PHE B 38 24.52 4.46 -8.79
N THR B 39 24.01 5.03 -7.69
CA THR B 39 24.82 5.24 -6.49
C THR B 39 24.54 4.13 -5.47
N THR B 40 25.60 3.41 -5.10
CA THR B 40 25.50 2.37 -4.08
C THR B 40 25.72 3.03 -2.72
N GLY B 41 24.88 2.67 -1.74
CA GLY B 41 24.99 3.22 -0.39
C GLY B 41 25.87 2.38 0.51
N LEU B 42 26.42 3.03 1.54
CA LEU B 42 27.22 2.33 2.55
C LEU B 42 26.91 2.89 3.94
N ILE B 43 26.55 2.00 4.86
CA ILE B 43 26.27 2.39 6.23
C ILE B 43 27.43 1.97 7.15
N TYR B 44 27.91 2.93 7.94
CA TYR B 44 28.93 2.68 8.95
C TYR B 44 28.99 3.85 9.93
N ASP B 45 29.24 3.56 11.20
CA ASP B 45 29.42 4.60 12.21
C ASP B 45 30.16 4.06 13.42
N SER B 46 30.91 4.94 14.08
CA SER B 46 31.73 4.59 15.24
C SER B 46 30.90 4.10 16.44
N VAL B 47 29.63 4.51 16.51
CA VAL B 47 28.74 4.09 17.59
C VAL B 47 28.69 2.56 17.76
N MET B 48 28.72 1.84 16.63
CA MET B 48 28.66 0.38 16.66
C MET B 48 29.97 -0.30 17.08
N LEU B 49 31.06 0.47 17.15
CA LEU B 49 32.35 -0.06 17.61
C LEU B 49 32.37 -0.27 19.13
N LYS B 50 31.61 0.54 19.85
CA LYS B 50 31.63 0.52 21.31
C LYS B 50 30.97 -0.71 21.95
N HIS B 51 30.26 -1.51 21.16
CA HIS B 51 29.71 -2.78 21.63
C HIS B 51 30.85 -3.75 21.92
N GLN B 52 31.30 -3.75 23.17
CA GLN B 52 32.43 -4.57 23.60
C GLN B 52 32.19 -4.98 25.05
N CYS B 53 32.66 -6.18 25.42
CA CYS B 53 32.60 -6.61 26.81
C CYS B 53 33.50 -5.73 27.67
N SER B 54 33.21 -5.69 28.97
CA SER B 54 34.00 -4.87 29.89
C SER B 54 35.36 -5.47 30.23
N CYS B 55 35.56 -6.76 29.89
CA CYS B 55 36.84 -7.43 30.11
C CYS B 55 37.93 -6.96 29.14
N GLY B 56 37.52 -6.43 27.99
CA GLY B 56 38.46 -5.86 27.02
C GLY B 56 39.36 -6.89 26.33
N ASP B 57 38.80 -8.07 26.07
CA ASP B 57 39.52 -9.13 25.36
C ASP B 57 38.74 -9.54 24.11
N ASN B 58 39.33 -9.31 22.95
CA ASN B 58 38.69 -9.65 21.67
C ASN B 58 38.95 -11.08 21.22
N SER B 59 39.80 -11.81 21.94
CA SER B 59 40.09 -13.22 21.60
C SER B 59 38.94 -14.12 22.04
N ARG B 60 38.51 -13.98 23.30
CA ARG B 60 37.40 -14.78 23.82
C ARG B 60 36.01 -14.25 23.44
N HIS B 61 35.96 -13.04 22.87
CA HIS B 61 34.72 -12.47 22.34
C HIS B 61 34.88 -12.20 20.83
N PRO B 62 34.64 -13.22 20.00
CA PRO B 62 34.96 -13.15 18.57
C PRO B 62 34.13 -12.17 17.74
N GLU B 63 32.95 -11.79 18.23
CA GLU B 63 32.16 -10.74 17.57
C GLU B 63 32.62 -9.39 18.09
N HIS B 64 33.74 -8.90 17.55
CA HIS B 64 34.40 -7.69 18.05
C HIS B 64 34.32 -6.52 17.06
N ALA B 65 34.69 -5.34 17.53
CA ALA B 65 34.60 -4.10 16.76
C ALA B 65 35.49 -4.11 15.52
N GLY B 66 36.63 -4.78 15.60
CA GLY B 66 37.55 -4.92 14.48
C GLY B 66 36.92 -5.51 13.22
N ARG B 67 35.82 -6.25 13.38
CA ARG B 67 35.11 -6.83 12.24
C ARG B 67 34.63 -5.76 11.25
N ILE B 68 33.84 -4.81 11.73
CA ILE B 68 33.32 -3.75 10.87
C ILE B 68 34.38 -2.69 10.55
N GLN B 69 35.34 -2.48 11.45
CA GLN B 69 36.38 -1.47 11.27
C GLN B 69 37.35 -1.87 10.17
N SER B 70 37.77 -3.14 10.17
CA SER B 70 38.68 -3.66 9.15
C SER B 70 38.03 -3.62 7.77
N ILE B 71 36.74 -3.93 7.69
CA ILE B 71 35.98 -3.86 6.44
C ILE B 71 35.91 -2.42 5.93
N TRP B 72 35.61 -1.50 6.83
CA TRP B 72 35.48 -0.08 6.48
C TRP B 72 36.77 0.51 5.91
N SER B 73 37.90 0.13 6.50
CA SER B 73 39.22 0.57 6.03
C SER B 73 39.61 -0.12 4.73
N ARG B 74 39.20 -1.38 4.56
CA ARG B 74 39.46 -2.12 3.32
C ARG B 74 38.75 -1.47 2.13
N LEU B 75 37.50 -1.05 2.34
CA LEU B 75 36.73 -0.39 1.29
C LEU B 75 37.35 0.93 0.84
N GLN B 76 38.06 1.61 1.74
CA GLN B 76 38.77 2.84 1.40
C GLN B 76 40.06 2.54 0.65
N GLU B 77 40.85 1.60 1.16
CA GLU B 77 42.13 1.21 0.55
C GLU B 77 41.99 0.75 -0.90
N ARG B 78 40.90 0.05 -1.20
CA ARG B 78 40.64 -0.45 -2.54
C ARG B 78 39.93 0.55 -3.45
N GLY B 79 39.58 1.71 -2.89
CA GLY B 79 38.93 2.78 -3.66
C GLY B 79 37.48 2.49 -4.01
N LEU B 80 36.75 1.91 -3.06
CA LEU B 80 35.33 1.59 -3.25
C LEU B 80 34.43 2.59 -2.51
N ARG B 81 34.83 2.97 -1.30
CA ARG B 81 34.10 3.97 -0.50
C ARG B 81 33.82 5.24 -1.28
N SER B 82 34.84 5.76 -1.95
CA SER B 82 34.72 7.00 -2.73
C SER B 82 33.64 6.94 -3.81
N GLN B 83 33.41 5.73 -4.34
CA GLN B 83 32.38 5.51 -5.36
C GLN B 83 30.99 5.31 -4.77
N CYS B 84 30.86 5.40 -3.44
CA CYS B 84 29.61 5.14 -2.74
C CYS B 84 29.14 6.35 -1.93
N GLU B 85 27.83 6.40 -1.70
CA GLU B 85 27.23 7.36 -0.77
C GLU B 85 27.39 6.83 0.65
N CYS B 86 28.30 7.42 1.42
CA CYS B 86 28.57 6.97 2.78
C CYS B 86 27.63 7.64 3.79
N LEU B 87 26.92 6.82 4.56
CA LEU B 87 25.94 7.30 5.53
C LEU B 87 26.29 6.82 6.94
N ARG B 88 25.89 7.60 7.94
CA ARG B 88 26.14 7.26 9.35
C ARG B 88 25.05 6.34 9.89
N GLY B 89 23.81 6.56 9.44
CA GLY B 89 22.67 5.82 9.95
C GLY B 89 22.09 6.50 11.17
N ARG B 90 21.37 5.75 12.00
CA ARG B 90 20.70 6.29 13.17
C ARG B 90 20.21 5.19 14.10
N LYS B 91 19.80 5.56 15.31
CA LYS B 91 19.18 4.62 16.24
C LYS B 91 17.74 4.33 15.83
N ALA B 92 17.35 3.07 15.91
CA ALA B 92 15.96 2.69 15.73
C ALA B 92 15.16 3.11 16.96
N SER B 93 13.93 3.59 16.72
CA SER B 93 13.04 3.96 17.82
C SER B 93 12.45 2.71 18.46
N LEU B 94 11.79 2.88 19.59
CA LEU B 94 11.16 1.76 20.30
C LEU B 94 10.01 1.16 19.47
N GLU B 95 9.26 2.01 18.79
CA GLU B 95 8.13 1.56 17.95
C GLU B 95 8.58 0.70 16.77
N GLU B 96 9.70 1.09 16.14
CA GLU B 96 10.27 0.32 15.04
C GLU B 96 10.72 -1.06 15.50
N LEU B 97 11.34 -1.11 16.68
CA LEU B 97 11.81 -2.38 17.26
C LEU B 97 10.63 -3.28 17.66
N GLN B 98 9.53 -2.67 18.09
CA GLN B 98 8.34 -3.43 18.50
C GLN B 98 7.51 -3.97 17.34
N SER B 99 7.88 -3.61 16.12
CA SER B 99 7.25 -4.20 14.93
C SER B 99 7.69 -5.64 14.72
N VAL B 100 8.79 -6.02 15.38
CA VAL B 100 9.30 -7.39 15.34
C VAL B 100 9.36 -8.02 16.74
N HIS B 101 9.80 -7.25 17.73
CA HIS B 101 10.06 -7.77 19.07
C HIS B 101 9.01 -7.37 20.09
N SER B 102 8.97 -8.09 21.21
CA SER B 102 7.99 -7.84 22.26
C SER B 102 8.33 -6.57 23.04
N GLU B 103 7.37 -6.12 23.84
CA GLU B 103 7.55 -4.91 24.64
C GLU B 103 8.65 -5.10 25.68
N ARG B 104 8.61 -6.21 26.42
CA ARG B 104 9.61 -6.46 27.46
C ARG B 104 11.03 -6.58 26.90
N HIS B 105 11.16 -7.17 25.71
CA HIS B 105 12.46 -7.33 25.05
C HIS B 105 13.02 -5.96 24.62
N VAL B 106 12.15 -5.10 24.10
CA VAL B 106 12.55 -3.76 23.66
C VAL B 106 12.95 -2.88 24.85
N LEU B 107 12.19 -2.93 25.93
CA LEU B 107 12.51 -2.17 27.14
C LEU B 107 13.80 -2.67 27.78
N LEU B 108 14.05 -3.98 27.70
CA LEU B 108 15.25 -4.59 28.28
C LEU B 108 16.53 -4.19 27.56
N TYR B 109 16.53 -4.29 26.23
CA TYR B 109 17.74 -4.02 25.44
C TYR B 109 17.73 -2.68 24.68
N GLY B 110 16.56 -2.04 24.60
CA GLY B 110 16.43 -0.78 23.86
C GLY B 110 16.52 0.48 24.70
N THR B 111 16.37 0.34 26.01
CA THR B 111 16.55 1.47 26.93
C THR B 111 17.78 1.23 27.79
N ASN B 112 18.32 2.31 28.35
CA ASN B 112 19.47 2.23 29.24
C ASN B 112 19.14 2.96 30.55
N PRO B 113 19.32 2.28 31.70
CA PRO B 113 19.08 2.92 33.00
C PRO B 113 20.37 3.53 33.58
N LEU B 114 20.35 4.79 34.00
CA LEU B 114 19.19 5.69 33.89
C LEU B 114 19.23 6.45 32.57
N SER B 115 18.16 7.17 32.27
CA SER B 115 18.09 8.03 31.09
C SER B 115 16.90 8.99 31.19
N ARG B 116 16.68 9.76 30.13
CA ARG B 116 15.59 10.73 30.09
C ARG B 116 14.34 10.21 29.36
N LEU B 117 14.09 8.91 29.46
CA LEU B 117 12.89 8.31 28.85
C LEU B 117 11.68 8.54 29.75
N LYS B 118 10.56 8.91 29.14
CA LYS B 118 9.33 9.22 29.88
C LYS B 118 8.43 7.98 29.98
N LEU B 119 8.98 6.90 30.52
CA LEU B 119 8.23 5.67 30.73
C LEU B 119 7.35 5.79 31.98
N ASP B 120 6.15 5.23 31.92
CA ASP B 120 5.27 5.16 33.08
C ASP B 120 5.82 4.16 34.11
N ASN B 121 5.38 4.31 35.36
CA ASN B 121 5.90 3.52 36.47
C ASN B 121 5.61 2.02 36.38
N GLY B 122 4.59 1.65 35.62
CA GLY B 122 4.30 0.24 35.35
C GLY B 122 5.43 -0.44 34.60
N LYS B 123 5.99 0.27 33.61
CA LYS B 123 7.11 -0.25 32.83
C LYS B 123 8.39 -0.25 33.66
N LEU B 124 8.62 0.83 34.41
CA LEU B 124 9.80 0.95 35.26
C LEU B 124 9.83 -0.11 36.35
N ALA B 125 8.66 -0.41 36.92
CA ALA B 125 8.54 -1.44 37.95
C ALA B 125 8.85 -2.83 37.39
N GLY B 126 8.50 -3.06 36.13
CA GLY B 126 8.80 -4.33 35.46
C GLY B 126 10.29 -4.56 35.29
N LEU B 127 11.03 -3.49 35.02
CA LEU B 127 12.49 -3.57 34.84
C LEU B 127 13.24 -3.77 36.17
N LEU B 128 12.59 -3.48 37.29
CA LEU B 128 13.19 -3.69 38.62
C LEU B 128 13.13 -5.13 39.09
N ALA B 129 12.45 -6.00 38.34
CA ALA B 129 12.33 -7.42 38.69
C ALA B 129 13.26 -8.30 37.85
N GLN B 130 14.00 -7.71 36.92
CA GLN B 130 14.94 -8.45 36.08
C GLN B 130 16.17 -8.91 36.87
N VAL B 134 23.36 -11.47 33.81
CA VAL B 134 24.09 -12.70 34.07
C VAL B 134 25.59 -12.43 34.10
N MET B 135 26.27 -12.96 35.11
CA MET B 135 27.71 -12.79 35.27
C MET B 135 28.44 -13.78 34.37
N LEU B 136 29.55 -13.32 33.77
CA LEU B 136 30.36 -14.15 32.89
C LEU B 136 31.70 -14.48 33.56
N PRO B 137 32.36 -15.57 33.12
CA PRO B 137 33.67 -15.94 33.68
C PRO B 137 34.73 -14.83 33.64
N CYS B 138 34.69 -14.02 32.59
CA CYS B 138 35.64 -12.91 32.43
C CYS B 138 35.35 -11.71 33.33
N GLY B 139 34.18 -11.70 33.98
CA GLY B 139 33.80 -10.62 34.89
C GLY B 139 32.89 -9.59 34.26
N GLY B 140 32.50 -9.81 33.01
CA GLY B 140 31.58 -8.92 32.31
C GLY B 140 30.15 -9.40 32.37
N VAL B 141 29.24 -8.59 31.86
CA VAL B 141 27.82 -8.91 31.83
C VAL B 141 27.43 -9.40 30.44
N GLY B 142 26.41 -10.24 30.37
CA GLY B 142 25.86 -10.69 29.08
C GLY B 142 24.51 -11.35 29.25
N VAL B 143 23.85 -11.65 28.14
CA VAL B 143 22.61 -12.44 28.19
C VAL B 143 22.96 -13.91 28.34
N ASP B 144 24.05 -14.33 27.70
CA ASP B 144 24.65 -15.65 27.91
C ASP B 144 26.17 -15.55 27.70
N THR B 145 26.86 -16.69 27.73
CA THR B 145 28.33 -16.72 27.68
C THR B 145 28.94 -16.09 26.41
N ASP B 146 28.21 -16.13 25.31
CA ASP B 146 28.68 -15.59 24.03
C ASP B 146 28.16 -14.18 23.76
N THR B 147 26.89 -13.95 24.06
CA THR B 147 26.23 -12.66 23.78
C THR B 147 26.45 -11.69 24.94
N ILE B 148 27.51 -10.90 24.84
CA ILE B 148 27.91 -9.99 25.92
C ILE B 148 27.06 -8.73 25.94
N TRP B 149 27.10 -8.00 27.06
CA TRP B 149 26.35 -6.77 27.22
C TRP B 149 27.19 -5.67 27.87
N ASN B 150 27.47 -4.62 27.10
CA ASN B 150 28.07 -3.41 27.64
C ASN B 150 26.96 -2.54 28.22
N GLU B 151 27.06 -2.23 29.51
CA GLU B 151 26.00 -1.51 30.21
C GLU B 151 25.86 -0.04 29.80
N LEU B 152 26.87 0.49 29.11
CA LEU B 152 26.83 1.86 28.57
C LEU B 152 26.52 1.93 27.08
N HIS B 153 27.07 1.00 26.30
CA HIS B 153 27.15 1.17 24.84
C HIS B 153 26.37 0.18 23.98
N SER B 154 26.02 -0.99 24.53
CA SER B 154 25.41 -2.06 23.73
C SER B 154 24.01 -1.71 23.21
N SER B 155 23.19 -1.07 24.04
CA SER B 155 21.85 -0.69 23.64
C SER B 155 21.88 0.27 22.44
N ASN B 156 22.76 1.27 22.51
CA ASN B 156 22.94 2.22 21.42
C ASN B 156 23.41 1.53 20.15
N ALA B 157 24.41 0.65 20.28
CA ALA B 157 24.98 -0.06 19.14
C ALA B 157 23.97 -0.98 18.45
N ALA B 158 23.22 -1.74 19.25
CA ALA B 158 22.19 -2.63 18.72
C ALA B 158 21.09 -1.85 18.01
N ARG B 159 20.66 -0.74 18.62
CA ARG B 159 19.66 0.13 18.00
C ARG B 159 20.18 0.81 16.74
N TRP B 160 21.46 1.15 16.75
CA TRP B 160 22.09 1.79 15.58
C TRP B 160 22.15 0.83 14.39
N ALA B 161 22.40 -0.45 14.68
CA ALA B 161 22.42 -1.48 13.64
C ALA B 161 21.05 -1.65 13.01
N ALA B 162 20.02 -1.73 13.84
CA ALA B 162 18.64 -1.89 13.37
C ALA B 162 18.18 -0.66 12.57
N GLY B 163 18.42 0.52 13.11
CA GLY B 163 18.02 1.77 12.46
C GLY B 163 18.76 2.03 11.15
N SER B 164 20.04 1.67 11.10
CA SER B 164 20.87 1.92 9.92
C SER B 164 20.47 1.03 8.73
N VAL B 165 20.26 -0.25 8.98
CA VAL B 165 19.78 -1.17 7.96
C VAL B 165 18.41 -0.72 7.46
N THR B 166 17.56 -0.31 8.39
CA THR B 166 16.24 0.24 8.07
C THR B 166 16.37 1.47 7.18
N ASP B 167 17.26 2.39 7.55
CA ASP B 167 17.42 3.65 6.82
C ASP B 167 17.94 3.41 5.40
N LEU B 168 18.96 2.57 5.28
CA LEU B 168 19.52 2.20 3.98
C LEU B 168 18.45 1.61 3.07
N ALA B 169 17.63 0.72 3.63
CA ALA B 169 16.54 0.08 2.92
C ALA B 169 15.51 1.08 2.37
N PHE B 170 15.16 2.07 3.18
CA PHE B 170 14.22 3.12 2.75
C PHE B 170 14.74 3.93 1.57
N LYS B 171 16.03 4.26 1.61
CA LYS B 171 16.67 5.00 0.52
C LYS B 171 16.71 4.18 -0.78
N VAL B 172 16.93 2.88 -0.65
CA VAL B 172 16.92 1.97 -1.79
C VAL B 172 15.48 1.73 -2.29
N ALA B 173 14.55 1.65 -1.35
CA ALA B 173 13.13 1.45 -1.69
C ALA B 173 12.55 2.64 -2.45
N SER B 174 12.96 3.85 -2.07
CA SER B 174 12.52 5.07 -2.74
C SER B 174 13.31 5.38 -4.02
N ARG B 175 14.22 4.49 -4.39
CA ARG B 175 15.02 4.61 -5.61
C ARG B 175 16.05 5.74 -5.58
N GLU B 176 16.33 6.27 -4.39
CA GLU B 176 17.35 7.31 -4.21
C GLU B 176 18.75 6.69 -4.26
N LEU B 177 18.85 5.43 -3.84
CA LEU B 177 20.03 4.62 -4.06
C LEU B 177 19.63 3.40 -4.89
N LYS B 178 20.57 2.87 -5.66
CA LYS B 178 20.33 1.65 -6.43
C LYS B 178 20.28 0.47 -5.46
N ASN B 179 21.34 0.35 -4.66
CA ASN B 179 21.51 -0.74 -3.72
C ASN B 179 22.39 -0.28 -2.57
N GLY B 180 22.66 -1.18 -1.61
CA GLY B 180 23.47 -0.80 -0.46
C GLY B 180 24.07 -1.95 0.33
N PHE B 181 25.09 -1.63 1.11
CA PHE B 181 25.76 -2.60 1.99
C PHE B 181 25.90 -1.98 3.37
N ALA B 182 25.29 -2.60 4.38
CA ALA B 182 25.32 -2.11 5.75
C ALA B 182 26.42 -2.78 6.56
N VAL B 183 27.50 -2.04 6.84
CA VAL B 183 28.60 -2.54 7.65
C VAL B 183 28.26 -2.32 9.12
N VAL B 184 27.44 -3.20 9.67
CA VAL B 184 26.82 -2.99 10.98
C VAL B 184 27.08 -4.13 11.96
N ARG B 185 27.12 -3.78 13.24
CA ARG B 185 27.19 -4.76 14.33
C ARG B 185 26.48 -4.18 15.57
N PRO B 186 26.00 -5.06 16.47
CA PRO B 186 26.02 -6.52 16.40
C PRO B 186 25.07 -7.08 15.34
N PRO B 187 25.19 -8.38 15.01
CA PRO B 187 24.28 -9.00 14.04
C PRO B 187 22.86 -9.17 14.60
N GLY B 188 21.94 -9.60 13.75
CA GLY B 188 20.52 -9.63 14.12
C GLY B 188 19.72 -10.91 13.91
N HIS B 189 20.13 -11.74 12.95
CA HIS B 189 19.24 -12.80 12.46
C HIS B 189 18.92 -13.95 13.45
N HIS B 190 19.66 -14.04 14.56
CA HIS B 190 19.35 -15.01 15.60
C HIS B 190 18.38 -14.47 16.66
N ALA B 191 18.22 -13.15 16.74
CA ALA B 191 17.31 -12.53 17.69
C ALA B 191 15.87 -12.77 17.24
N ASP B 192 15.06 -13.38 18.10
CA ASP B 192 13.65 -13.62 17.81
C ASP B 192 12.76 -12.70 18.63
N HIS B 193 11.45 -12.90 18.56
CA HIS B 193 10.45 -12.00 19.16
C HIS B 193 10.81 -11.50 20.56
N SER B 194 11.21 -12.42 21.44
CA SER B 194 11.52 -12.06 22.83
C SER B 194 12.76 -12.80 23.36
N THR B 195 13.76 -13.00 22.50
CA THR B 195 15.00 -13.64 22.93
C THR B 195 16.22 -13.08 22.18
N ALA B 196 17.17 -12.54 22.93
CA ALA B 196 18.48 -12.21 22.41
C ALA B 196 19.36 -13.45 22.52
N MET B 197 20.04 -13.81 21.44
CA MET B 197 20.88 -15.01 21.41
C MET B 197 21.86 -14.97 20.24
N GLY B 198 22.86 -15.84 20.29
CA GLY B 198 23.85 -15.96 19.22
C GLY B 198 24.39 -14.61 18.76
N PHE B 199 24.88 -13.81 19.72
CA PHE B 199 25.48 -12.51 19.45
C PHE B 199 24.49 -11.43 18.96
N CYS B 200 23.20 -11.76 18.92
CA CYS B 200 22.18 -10.87 18.37
C CYS B 200 21.20 -10.39 19.45
N PHE B 201 20.67 -9.19 19.24
CA PHE B 201 19.73 -8.58 20.18
C PHE B 201 18.44 -8.17 19.48
N PHE B 202 18.58 -7.40 18.40
CA PHE B 202 17.44 -7.03 17.55
C PHE B 202 17.69 -7.55 16.14
N ASN B 203 16.65 -8.09 15.52
CA ASN B 203 16.73 -8.57 14.15
C ASN B 203 16.61 -7.41 13.16
N SER B 204 17.75 -6.83 12.83
CA SER B 204 17.84 -5.64 12.00
C SER B 204 17.18 -5.79 10.65
N VAL B 205 17.43 -6.92 9.99
CA VAL B 205 16.89 -7.19 8.65
C VAL B 205 15.36 -7.37 8.70
N ALA B 206 14.87 -8.06 9.73
CA ALA B 206 13.43 -8.25 9.92
C ALA B 206 12.72 -6.93 10.25
N ILE B 207 13.37 -6.11 11.05
CA ILE B 207 12.85 -4.78 11.39
C ILE B 207 12.75 -3.90 10.14
N ALA B 208 13.82 -3.88 9.35
CA ALA B 208 13.85 -3.14 8.09
C ALA B 208 12.71 -3.59 7.16
N CYS B 209 12.51 -4.90 7.08
CA CYS B 209 11.46 -5.48 6.25
C CYS B 209 10.07 -5.01 6.69
N ARG B 210 9.79 -5.12 7.99
CA ARG B 210 8.51 -4.70 8.54
C ARG B 210 8.22 -3.21 8.31
N GLN B 211 9.26 -2.39 8.46
CA GLN B 211 9.12 -0.94 8.28
C GLN B 211 8.84 -0.58 6.82
N LEU B 212 9.58 -1.19 5.89
CA LEU B 212 9.34 -1.01 4.47
C LEU B 212 7.89 -1.32 4.10
N GLN B 213 7.35 -2.40 4.65
CA GLN B 213 6.01 -2.86 4.31
C GLN B 213 4.90 -1.93 4.81
N GLN B 214 5.13 -1.23 5.91
CA GLN B 214 4.15 -0.25 6.41
C GLN B 214 4.08 0.99 5.52
N GLN B 215 5.24 1.49 5.08
CA GLN B 215 5.31 2.68 4.22
C GLN B 215 5.03 2.37 2.74
N SER B 216 5.00 1.09 2.37
CA SER B 216 4.65 0.68 1.01
C SER B 216 3.66 -0.49 1.05
N LYS B 217 2.38 -0.16 0.89
CA LYS B 217 1.29 -1.14 1.07
C LYS B 217 1.30 -2.23 0.01
N ALA B 218 1.16 -3.48 0.46
CA ALA B 218 1.08 -4.66 -0.42
C ALA B 218 2.42 -5.04 -1.08
N SER B 219 3.52 -4.50 -0.58
CA SER B 219 4.84 -4.77 -1.14
C SER B 219 5.34 -6.14 -0.70
N LYS B 220 6.00 -6.86 -1.61
CA LYS B 220 6.54 -8.18 -1.31
C LYS B 220 8.06 -8.10 -1.17
N ILE B 221 8.57 -8.60 -0.04
CA ILE B 221 10.00 -8.51 0.27
C ILE B 221 10.63 -9.91 0.28
N LEU B 222 11.83 -10.03 -0.29
CA LEU B 222 12.62 -11.26 -0.24
C LEU B 222 13.76 -11.08 0.73
N ILE B 223 13.89 -12.02 1.67
CA ILE B 223 15.03 -12.05 2.57
C ILE B 223 15.89 -13.26 2.24
N VAL B 224 17.08 -13.02 1.71
CA VAL B 224 18.05 -14.08 1.46
C VAL B 224 19.08 -14.04 2.58
N ASP B 225 19.32 -15.19 3.18
CA ASP B 225 20.22 -15.29 4.32
C ASP B 225 21.29 -16.35 4.02
N TRP B 226 22.47 -15.90 3.59
CA TRP B 226 23.56 -16.83 3.23
C TRP B 226 24.64 -16.97 4.31
N ASP B 227 24.38 -16.43 5.51
CA ASP B 227 25.19 -16.72 6.68
C ASP B 227 25.15 -18.23 6.93
N VAL B 228 26.24 -18.81 7.44
CA VAL B 228 26.35 -20.26 7.61
C VAL B 228 25.35 -20.84 8.62
N HIS B 229 24.92 -20.01 9.58
CA HIS B 229 23.95 -20.43 10.60
C HIS B 229 22.54 -20.10 10.14
N HIS B 230 21.56 -20.86 10.63
CA HIS B 230 20.16 -20.59 10.32
C HIS B 230 19.67 -19.35 11.07
N GLY B 231 18.99 -18.45 10.37
CA GLY B 231 18.41 -17.26 10.98
C GLY B 231 17.06 -17.58 11.60
N ASN B 232 17.10 -18.23 12.76
CA ASN B 232 15.89 -18.64 13.48
C ASN B 232 14.94 -17.49 13.76
N GLY B 233 15.50 -16.32 14.06
CA GLY B 233 14.69 -15.13 14.35
C GLY B 233 13.88 -14.70 13.15
N THR B 234 14.54 -14.60 12.00
CA THR B 234 13.91 -14.17 10.75
C THR B 234 12.84 -15.17 10.30
N GLN B 235 13.16 -16.46 10.33
CA GLN B 235 12.17 -17.50 10.00
C GLN B 235 10.93 -17.36 10.85
N GLN B 236 11.13 -17.26 12.17
CA GLN B 236 10.03 -17.16 13.13
C GLN B 236 9.15 -15.95 12.84
N THR B 237 9.77 -14.78 12.66
CA THR B 237 9.05 -13.53 12.51
C THR B 237 8.05 -13.59 11.36
N PHE B 238 8.50 -14.07 10.20
CA PHE B 238 7.67 -14.07 9.00
C PHE B 238 7.10 -15.44 8.65
N TYR B 239 7.03 -16.35 9.62
CA TYR B 239 6.65 -17.74 9.34
C TYR B 239 5.24 -17.91 8.77
N GLN B 240 4.30 -17.06 9.17
CA GLN B 240 2.93 -17.13 8.68
C GLN B 240 2.52 -15.87 7.91
N ASP B 241 3.50 -15.27 7.23
CA ASP B 241 3.33 -14.04 6.47
C ASP B 241 3.67 -14.28 4.99
N PRO B 242 2.66 -14.29 4.11
CA PRO B 242 2.93 -14.56 2.68
C PRO B 242 3.58 -13.39 1.92
N SER B 243 3.59 -12.20 2.52
CA SER B 243 4.19 -11.03 1.87
C SER B 243 5.72 -11.05 1.91
N VAL B 244 6.30 -11.87 2.78
CA VAL B 244 7.75 -11.98 2.89
C VAL B 244 8.20 -13.39 2.54
N LEU B 245 9.23 -13.50 1.69
CA LEU B 245 9.82 -14.79 1.34
C LEU B 245 11.20 -14.89 1.99
N TYR B 246 11.35 -15.85 2.88
CA TYR B 246 12.64 -16.11 3.54
C TYR B 246 13.32 -17.32 2.91
N ILE B 247 14.50 -17.10 2.33
CA ILE B 247 15.31 -18.19 1.81
C ILE B 247 16.64 -18.23 2.56
N SER B 248 16.91 -19.35 3.20
CA SER B 248 18.14 -19.52 3.97
C SER B 248 18.95 -20.69 3.45
N LEU B 249 20.24 -20.44 3.23
CA LEU B 249 21.23 -21.51 3.02
C LEU B 249 22.04 -21.61 4.30
N HIS B 250 22.12 -22.81 4.88
CA HIS B 250 22.86 -22.99 6.13
C HIS B 250 23.27 -24.43 6.38
N ARG B 251 24.36 -24.60 7.13
CA ARG B 251 24.77 -25.90 7.62
C ARG B 251 23.74 -26.36 8.65
N HIS B 252 23.15 -27.52 8.42
CA HIS B 252 22.11 -28.06 9.29
C HIS B 252 22.59 -29.32 9.99
N ASP B 253 23.00 -30.31 9.22
CA ASP B 253 23.55 -31.57 9.75
C ASP B 253 22.63 -32.25 10.76
N ASP B 254 21.37 -32.40 10.39
CA ASP B 254 20.37 -33.10 11.21
C ASP B 254 20.18 -32.47 12.60
N GLY B 255 20.23 -31.13 12.64
CA GLY B 255 19.98 -30.38 13.86
C GLY B 255 21.14 -30.28 14.84
N ASN B 256 22.35 -30.58 14.38
CA ASN B 256 23.53 -30.61 15.23
C ASN B 256 24.51 -29.45 14.96
N PHE B 257 23.95 -28.29 14.64
CA PHE B 257 24.75 -27.09 14.40
C PHE B 257 23.91 -25.87 14.77
N PHE B 258 24.53 -24.89 15.43
CA PHE B 258 23.80 -23.72 15.95
C PHE B 258 23.03 -23.01 14.84
N PRO B 259 21.76 -22.62 15.11
CA PRO B 259 21.00 -22.80 16.36
C PRO B 259 20.22 -24.12 16.46
N GLY B 260 20.40 -25.02 15.50
CA GLY B 260 19.73 -26.32 15.50
C GLY B 260 18.33 -26.29 14.93
N SER B 261 17.98 -25.19 14.26
CA SER B 261 16.66 -25.01 13.67
C SER B 261 16.76 -24.94 12.15
N GLY B 262 15.62 -24.83 11.49
CA GLY B 262 15.57 -24.59 10.05
C GLY B 262 15.71 -25.82 9.19
N ALA B 263 15.03 -26.90 9.57
CA ALA B 263 14.97 -28.10 8.74
C ALA B 263 14.29 -27.79 7.42
N VAL B 264 14.59 -28.59 6.39
CA VAL B 264 14.06 -28.39 5.05
C VAL B 264 12.53 -28.46 5.00
N ASP B 265 11.93 -29.29 5.86
CA ASP B 265 10.47 -29.48 5.87
C ASP B 265 9.69 -28.34 6.55
N GLU B 266 10.41 -27.35 7.08
CA GLU B 266 9.77 -26.15 7.64
C GLU B 266 9.51 -25.14 6.52
N VAL B 267 8.28 -25.16 6.01
CA VAL B 267 7.89 -24.37 4.84
C VAL B 267 7.07 -23.11 5.16
N GLY B 268 6.76 -22.91 6.43
CA GLY B 268 5.81 -21.86 6.85
C GLY B 268 4.50 -22.49 7.29
N ALA B 269 3.57 -21.67 7.76
CA ALA B 269 2.26 -22.14 8.22
C ALA B 269 1.17 -21.11 7.94
N GLY B 270 -0.07 -21.58 7.89
CA GLY B 270 -1.21 -20.71 7.58
C GLY B 270 -1.07 -20.15 6.18
N SER B 271 -1.29 -18.83 6.05
CA SER B 271 -1.10 -18.15 4.77
C SER B 271 0.35 -18.20 4.29
N GLY B 272 1.29 -18.22 5.23
CA GLY B 272 2.71 -18.24 4.90
C GLY B 272 3.28 -19.58 4.45
N GLU B 273 2.43 -20.60 4.34
CA GLU B 273 2.87 -21.93 3.93
C GLU B 273 3.42 -21.90 2.50
N GLY B 274 4.67 -22.34 2.34
CA GLY B 274 5.34 -22.34 1.04
C GLY B 274 6.34 -21.21 0.85
N PHE B 275 6.25 -20.18 1.69
CA PHE B 275 7.08 -18.99 1.53
C PHE B 275 8.26 -18.94 2.53
N ASN B 276 8.65 -20.10 3.05
CA ASN B 276 9.85 -20.24 3.87
C ASN B 276 10.70 -21.39 3.32
N VAL B 277 11.86 -21.05 2.77
CA VAL B 277 12.71 -22.02 2.08
C VAL B 277 14.04 -22.20 2.82
N ASN B 278 14.18 -23.35 3.49
CA ASN B 278 15.42 -23.72 4.14
C ASN B 278 16.25 -24.64 3.25
N VAL B 279 17.28 -24.07 2.60
CA VAL B 279 18.28 -24.87 1.92
C VAL B 279 19.22 -25.40 2.99
N ALA B 280 18.80 -26.50 3.63
CA ALA B 280 19.48 -27.05 4.79
C ALA B 280 20.53 -28.07 4.37
N TRP B 281 21.79 -27.66 4.38
CA TRP B 281 22.88 -28.55 4.00
C TRP B 281 23.04 -29.66 5.04
N ALA B 282 22.95 -30.91 4.58
CA ALA B 282 23.14 -32.07 5.44
C ALA B 282 24.43 -32.80 5.07
N GLY B 283 24.83 -33.75 5.90
CA GLY B 283 26.02 -34.58 5.62
C GLY B 283 27.22 -34.19 6.46
N GLY B 284 27.51 -32.89 6.53
CA GLY B 284 28.63 -32.37 7.32
C GLY B 284 29.71 -31.73 6.48
N LEU B 285 30.91 -31.65 7.05
CA LEU B 285 32.05 -30.95 6.42
C LEU B 285 32.74 -31.76 5.32
N ASP B 286 32.44 -33.05 5.23
CA ASP B 286 33.07 -33.94 4.26
C ASP B 286 32.00 -34.65 3.46
N PRO B 287 31.95 -34.44 2.13
CA PRO B 287 32.80 -33.56 1.30
C PRO B 287 32.65 -32.06 1.63
N PRO B 288 33.58 -31.23 1.11
CA PRO B 288 33.66 -29.82 1.50
C PRO B 288 32.62 -28.97 0.79
N MET B 289 31.94 -28.11 1.55
CA MET B 289 30.89 -27.25 1.01
C MET B 289 31.54 -25.93 0.58
N GLY B 290 31.46 -25.62 -0.71
CA GLY B 290 32.12 -24.44 -1.26
C GLY B 290 31.36 -23.80 -2.41
N ASP B 291 32.09 -23.23 -3.35
CA ASP B 291 31.51 -22.46 -4.45
C ASP B 291 30.55 -23.26 -5.34
N PRO B 292 30.97 -24.48 -5.77
CA PRO B 292 30.08 -25.27 -6.62
C PRO B 292 28.71 -25.56 -5.99
N GLU B 293 28.69 -25.74 -4.67
CA GLU B 293 27.47 -26.08 -3.95
C GLU B 293 26.55 -24.86 -3.80
N TYR B 294 27.14 -23.71 -3.51
CA TYR B 294 26.37 -22.46 -3.37
C TYR B 294 25.92 -21.91 -4.72
N LEU B 295 26.76 -22.04 -5.75
CA LEU B 295 26.36 -21.69 -7.11
C LEU B 295 25.19 -22.55 -7.58
N ALA B 296 25.26 -23.84 -7.30
CA ALA B 296 24.18 -24.77 -7.66
C ALA B 296 22.87 -24.42 -6.96
N ALA B 297 22.96 -24.08 -5.67
CA ALA B 297 21.80 -23.69 -4.88
C ALA B 297 21.12 -22.45 -5.47
N PHE B 298 21.93 -21.49 -5.91
CA PHE B 298 21.43 -20.29 -6.57
C PHE B 298 20.80 -20.57 -7.92
N ARG B 299 21.46 -21.42 -8.72
CA ARG B 299 20.92 -21.80 -10.03
C ARG B 299 19.59 -22.55 -9.92
N ILE B 300 19.51 -23.48 -8.98
CA ILE B 300 18.42 -24.45 -8.93
C ILE B 300 17.26 -24.05 -8.01
N VAL B 301 17.57 -23.42 -6.88
CA VAL B 301 16.56 -23.13 -5.86
C VAL B 301 16.30 -21.64 -5.64
N VAL B 302 17.35 -20.88 -5.35
CA VAL B 302 17.17 -19.49 -4.90
C VAL B 302 16.61 -18.58 -5.99
N MET B 303 17.29 -18.51 -7.13
CA MET B 303 16.90 -17.57 -8.19
C MET B 303 15.57 -17.92 -8.85
N PRO B 304 15.34 -19.21 -9.18
CA PRO B 304 14.04 -19.56 -9.77
C PRO B 304 12.85 -19.26 -8.86
N ILE B 305 12.98 -19.54 -7.57
CA ILE B 305 11.92 -19.24 -6.61
C ILE B 305 11.78 -17.73 -6.40
N ALA B 306 12.91 -17.03 -6.39
CA ALA B 306 12.92 -15.57 -6.26
C ALA B 306 12.20 -14.89 -7.42
N ARG B 307 12.44 -15.36 -8.64
CA ARG B 307 11.79 -14.80 -9.83
C ARG B 307 10.29 -15.05 -9.85
N GLU B 308 9.89 -16.25 -9.45
CA GLU B 308 8.46 -16.60 -9.38
C GLU B 308 7.75 -15.77 -8.31
N PHE B 309 8.43 -15.53 -7.19
CA PHE B 309 7.94 -14.68 -6.12
C PHE B 309 7.85 -13.21 -6.57
N SER B 310 8.89 -12.76 -7.28
CA SER B 310 8.93 -11.41 -7.86
C SER B 310 8.83 -10.32 -6.79
N PRO B 311 9.89 -10.17 -5.97
CA PRO B 311 9.88 -9.22 -4.86
C PRO B 311 10.06 -7.76 -5.31
N ASP B 312 9.52 -6.85 -4.52
CA ASP B 312 9.68 -5.41 -4.76
C ASP B 312 11.02 -4.91 -4.22
N LEU B 313 11.59 -5.66 -3.29
CA LEU B 313 12.91 -5.35 -2.74
C LEU B 313 13.52 -6.61 -2.15
N VAL B 314 14.85 -6.68 -2.16
CA VAL B 314 15.58 -7.83 -1.60
C VAL B 314 16.48 -7.39 -0.46
N LEU B 315 16.25 -7.98 0.72
CA LEU B 315 17.14 -7.79 1.87
C LEU B 315 18.03 -9.02 1.99
N VAL B 316 19.32 -8.81 2.26
CA VAL B 316 20.24 -9.93 2.41
C VAL B 316 20.91 -9.93 3.79
N SER B 317 20.67 -10.99 4.55
CA SER B 317 21.45 -11.26 5.75
C SER B 317 22.82 -11.75 5.28
N ALA B 318 23.73 -10.81 5.08
CA ALA B 318 25.03 -11.10 4.48
C ALA B 318 26.07 -11.44 5.54
N GLY B 319 25.98 -12.64 6.06
CA GLY B 319 27.04 -13.20 6.91
C GLY B 319 28.13 -13.75 6.01
N PHE B 320 29.34 -13.86 6.54
CA PHE B 320 30.48 -14.39 5.78
C PHE B 320 31.21 -15.49 6.54
N ASP B 321 30.50 -16.19 7.42
CA ASP B 321 31.08 -17.30 8.18
C ASP B 321 31.05 -18.63 7.41
N ALA B 322 30.48 -18.61 6.20
CA ALA B 322 30.61 -19.73 5.26
C ALA B 322 31.90 -19.61 4.43
N ALA B 323 32.63 -18.50 4.60
CA ALA B 323 33.84 -18.23 3.85
C ALA B 323 35.04 -19.02 4.35
N GLU B 324 36.11 -18.99 3.55
CA GLU B 324 37.39 -19.60 3.90
C GLU B 324 37.93 -19.02 5.21
N GLY B 325 38.65 -19.83 5.97
CA GLY B 325 39.31 -19.37 7.18
C GLY B 325 38.55 -19.56 8.49
N HIS B 326 37.31 -20.02 8.40
CA HIS B 326 36.49 -20.29 9.58
C HIS B 326 36.54 -21.79 9.89
N PRO B 327 37.15 -22.18 11.02
CA PRO B 327 37.26 -23.61 11.36
C PRO B 327 35.92 -24.29 11.61
N ALA B 328 35.96 -25.61 11.75
CA ALA B 328 34.74 -26.43 11.86
C ALA B 328 33.69 -25.91 12.84
N PRO B 329 34.10 -25.62 14.10
CA PRO B 329 33.15 -25.10 15.09
C PRO B 329 32.34 -23.88 14.64
N LEU B 330 32.98 -22.96 13.92
CA LEU B 330 32.34 -21.71 13.51
C LEU B 330 31.59 -21.83 12.18
N GLY B 331 32.13 -22.62 11.25
CA GLY B 331 31.51 -22.81 9.93
C GLY B 331 32.04 -24.03 9.21
N GLY B 332 33.32 -23.99 8.86
CA GLY B 332 33.99 -25.11 8.20
C GLY B 332 33.76 -25.21 6.70
N TYR B 333 33.22 -24.15 6.10
CA TYR B 333 32.93 -24.11 4.66
C TYR B 333 34.02 -23.32 3.92
N HIS B 334 34.04 -23.47 2.60
CA HIS B 334 35.11 -22.90 1.77
C HIS B 334 34.58 -22.00 0.65
N VAL B 335 33.61 -21.16 0.95
CA VAL B 335 33.04 -20.24 -0.05
C VAL B 335 33.97 -19.07 -0.28
N SER B 336 34.32 -18.80 -1.54
CA SER B 336 35.27 -17.75 -1.89
C SER B 336 34.62 -16.38 -1.94
N ALA B 337 35.45 -15.33 -1.93
CA ALA B 337 34.98 -13.95 -2.00
C ALA B 337 34.26 -13.65 -3.32
N LYS B 338 34.83 -14.12 -4.42
CA LYS B 338 34.24 -13.93 -5.75
C LYS B 338 32.86 -14.58 -5.86
N CYS B 339 32.68 -15.70 -5.18
CA CYS B 339 31.38 -16.37 -5.13
C CYS B 339 30.33 -15.52 -4.42
N PHE B 340 30.71 -14.91 -3.30
CA PHE B 340 29.82 -13.96 -2.60
C PHE B 340 29.47 -12.78 -3.49
N GLY B 341 30.46 -12.25 -4.19
CA GLY B 341 30.25 -11.17 -5.15
C GLY B 341 29.32 -11.57 -6.28
N TYR B 342 29.46 -12.81 -6.75
CA TYR B 342 28.64 -13.31 -7.84
C TYR B 342 27.21 -13.60 -7.39
N MET B 343 27.06 -14.11 -6.17
CA MET B 343 25.73 -14.25 -5.57
C MET B 343 25.05 -12.89 -5.41
N THR B 344 25.83 -11.88 -5.01
CA THR B 344 25.32 -10.51 -4.95
C THR B 344 24.88 -10.03 -6.34
N GLN B 345 25.69 -10.31 -7.36
CA GLN B 345 25.38 -9.93 -8.74
C GLN B 345 24.08 -10.55 -9.25
N GLN B 346 23.85 -11.82 -8.90
CA GLN B 346 22.63 -12.52 -9.33
C GLN B 346 21.37 -11.92 -8.70
N LEU B 347 21.44 -11.59 -7.40
CA LEU B 347 20.31 -10.98 -6.70
C LEU B 347 19.98 -9.57 -7.22
N MET B 348 20.96 -8.91 -7.83
CA MET B 348 20.75 -7.59 -8.41
C MET B 348 19.87 -7.62 -9.67
N ASN B 349 19.65 -8.81 -10.23
CA ASN B 349 18.68 -8.98 -11.31
C ASN B 349 17.23 -8.89 -10.79
N LEU B 350 17.04 -9.19 -9.51
CA LEU B 350 15.71 -9.18 -8.91
C LEU B 350 15.28 -7.77 -8.49
N ALA B 351 13.97 -7.55 -8.50
CA ALA B 351 13.37 -6.32 -7.95
C ALA B 351 13.93 -5.02 -8.56
N GLY B 352 14.31 -5.07 -9.83
CA GLY B 352 14.85 -3.89 -10.52
C GLY B 352 16.15 -3.34 -9.95
N GLY B 353 16.90 -4.18 -9.24
CA GLY B 353 18.16 -3.77 -8.63
C GLY B 353 18.09 -3.35 -7.17
N ALA B 354 16.88 -3.35 -6.60
CA ALA B 354 16.68 -2.92 -5.21
C ALA B 354 17.16 -3.99 -4.24
N VAL B 355 18.44 -3.94 -3.90
CA VAL B 355 19.07 -4.94 -3.04
C VAL B 355 19.85 -4.29 -1.89
N VAL B 356 19.62 -4.77 -0.68
CA VAL B 356 20.31 -4.25 0.51
C VAL B 356 20.98 -5.39 1.25
N LEU B 357 22.31 -5.32 1.37
CA LEU B 357 23.07 -6.31 2.15
C LEU B 357 23.31 -5.77 3.55
N ALA B 358 23.13 -6.63 4.56
CA ALA B 358 23.41 -6.27 5.94
C ALA B 358 24.38 -7.29 6.53
N LEU B 359 25.47 -6.81 7.12
CA LEU B 359 26.47 -7.67 7.73
C LEU B 359 25.84 -8.48 8.86
N GLU B 360 26.05 -9.79 8.86
CA GLU B 360 25.64 -10.66 9.97
C GLU B 360 26.90 -11.27 10.60
N GLY B 361 27.14 -12.57 10.37
CA GLY B 361 28.30 -13.25 10.95
C GLY B 361 29.57 -13.09 10.13
N GLY B 362 30.61 -13.85 10.52
CA GLY B 362 31.93 -13.76 9.91
C GLY B 362 32.93 -13.24 10.92
N HIS B 363 34.05 -13.95 11.08
CA HIS B 363 35.05 -13.64 12.11
C HIS B 363 36.43 -13.34 11.52
N ASP B 364 36.93 -14.26 10.70
CA ASP B 364 38.25 -14.11 10.07
C ASP B 364 38.31 -12.79 9.30
N LEU B 365 39.16 -11.88 9.75
CA LEU B 365 39.19 -10.51 9.23
C LEU B 365 39.49 -10.42 7.74
N THR B 366 40.54 -11.12 7.30
CA THR B 366 40.91 -11.13 5.88
C THR B 366 39.81 -11.77 5.03
N ALA B 367 39.19 -12.82 5.55
CA ALA B 367 38.11 -13.52 4.85
C ALA B 367 36.89 -12.63 4.62
N ILE B 368 36.40 -11.99 5.67
CA ILE B 368 35.22 -11.12 5.56
C ILE B 368 35.52 -9.81 4.84
N CYS B 369 36.77 -9.34 4.91
CA CYS B 369 37.19 -8.15 4.15
C CYS B 369 37.20 -8.43 2.65
N ASP B 370 37.73 -9.59 2.26
CA ASP B 370 37.72 -10.02 0.87
C ASP B 370 36.30 -10.18 0.35
N ALA B 371 35.44 -10.81 1.16
CA ALA B 371 34.04 -11.03 0.80
C ALA B 371 33.26 -9.72 0.70
N SER B 372 33.49 -8.82 1.65
CA SER B 372 32.82 -7.51 1.65
C SER B 372 33.21 -6.69 0.43
N GLU B 373 34.50 -6.74 0.08
CA GLU B 373 35.02 -6.05 -1.11
C GLU B 373 34.32 -6.53 -2.37
N ALA B 374 34.24 -7.85 -2.54
CA ALA B 374 33.62 -8.45 -3.72
C ALA B 374 32.13 -8.14 -3.82
N CYS B 375 31.44 -8.11 -2.68
CA CYS B 375 30.01 -7.78 -2.65
C CYS B 375 29.79 -6.32 -3.01
N VAL B 376 30.57 -5.42 -2.41
CA VAL B 376 30.49 -3.99 -2.71
C VAL B 376 30.89 -3.72 -4.16
N ALA B 377 31.90 -4.44 -4.65
CA ALA B 377 32.32 -4.35 -6.05
C ALA B 377 31.18 -4.75 -6.99
N ALA B 378 30.43 -5.78 -6.61
CA ALA B 378 29.28 -6.24 -7.39
C ALA B 378 28.16 -5.20 -7.39
N LEU B 379 27.88 -4.62 -6.22
CA LEU B 379 26.85 -3.59 -6.09
C LEU B 379 27.13 -2.38 -6.99
N LEU B 380 28.41 -2.02 -7.12
CA LEU B 380 28.83 -0.91 -7.98
C LEU B 380 28.69 -1.24 -9.47
N GLY B 381 28.68 -2.53 -9.82
CA GLY B 381 28.48 -2.98 -11.20
C GLY B 381 29.57 -3.88 -11.76
N ASN B 382 30.61 -4.17 -10.95
CA ASN B 382 31.69 -5.05 -11.38
C ASN B 382 31.20 -6.49 -11.52
N ARG B 383 31.20 -6.99 -12.75
CA ARG B 383 30.72 -8.35 -13.04
C ARG B 383 31.88 -9.34 -12.96
N VAL B 384 31.66 -10.44 -12.23
CA VAL B 384 32.61 -11.54 -12.19
C VAL B 384 32.45 -12.41 -13.42
N ASP B 385 33.55 -12.74 -14.08
CA ASP B 385 33.54 -13.67 -15.20
C ASP B 385 33.52 -15.09 -14.63
N PRO B 386 32.43 -15.85 -14.87
CA PRO B 386 32.35 -17.20 -14.30
C PRO B 386 33.34 -18.21 -14.91
N LEU B 387 33.88 -17.89 -16.08
CA LEU B 387 34.84 -18.77 -16.76
C LEU B 387 36.27 -18.65 -16.20
N SER B 388 36.52 -17.63 -15.38
CA SER B 388 37.86 -17.38 -14.84
C SER B 388 38.27 -18.36 -13.74
N GLU B 389 37.29 -18.99 -13.09
CA GLU B 389 37.55 -19.93 -12.00
C GLU B 389 37.47 -21.38 -12.48
N GLU B 390 38.56 -22.11 -12.34
CA GLU B 390 38.59 -23.55 -12.69
C GLU B 390 37.80 -24.38 -11.69
N GLY B 391 37.76 -23.93 -10.44
CA GLY B 391 36.99 -24.59 -9.39
C GLY B 391 35.49 -24.58 -9.63
N TRP B 392 35.02 -23.60 -10.41
CA TRP B 392 33.59 -23.46 -10.72
C TRP B 392 33.13 -24.41 -11.85
N LYS B 393 34.08 -25.08 -12.50
CA LYS B 393 33.75 -26.14 -13.46
C LYS B 393 33.45 -27.46 -12.75
N GLN B 394 33.80 -27.55 -11.46
CA GLN B 394 33.59 -28.75 -10.67
C GLN B 394 32.11 -28.91 -10.30
N LYS B 395 31.66 -30.15 -10.19
CA LYS B 395 30.28 -30.45 -9.85
C LYS B 395 30.08 -30.32 -8.34
N PRO B 396 28.85 -29.98 -7.90
CA PRO B 396 28.56 -29.97 -6.47
C PRO B 396 28.58 -31.39 -5.90
N ASN B 397 29.02 -31.52 -4.65
CA ASN B 397 29.16 -32.83 -4.02
C ASN B 397 27.83 -33.53 -3.78
N LEU B 398 27.88 -34.83 -3.50
CA LEU B 398 26.68 -35.65 -3.35
C LEU B 398 25.76 -35.15 -2.23
N ASN B 399 26.35 -34.80 -1.09
CA ASN B 399 25.59 -34.28 0.05
C ASN B 399 24.80 -33.01 -0.31
N ALA B 400 25.43 -32.12 -1.07
CA ALA B 400 24.78 -30.88 -1.51
C ALA B 400 23.63 -31.19 -2.48
N ILE B 401 23.86 -32.09 -3.43
CA ILE B 401 22.83 -32.50 -4.38
C ILE B 401 21.65 -33.14 -3.65
N ARG B 402 21.95 -33.96 -2.65
CA ARG B 402 20.93 -34.63 -1.84
C ARG B 402 20.14 -33.62 -1.00
N SER B 403 20.84 -32.59 -0.52
CA SER B 403 20.19 -31.50 0.23
C SER B 403 19.25 -30.69 -0.65
N LEU B 404 19.69 -30.39 -1.87
CA LEU B 404 18.86 -29.63 -2.82
C LEU B 404 17.67 -30.46 -3.31
N GLU B 405 17.87 -31.77 -3.46
CA GLU B 405 16.79 -32.67 -3.87
C GLU B 405 15.71 -32.74 -2.81
N ALA B 406 16.12 -32.68 -1.53
CA ALA B 406 15.17 -32.62 -0.42
C ALA B 406 14.36 -31.31 -0.44
N VAL B 407 15.04 -30.21 -0.80
CA VAL B 407 14.38 -28.92 -0.94
C VAL B 407 13.37 -28.92 -2.09
N ILE B 408 13.78 -29.49 -3.22
CA ILE B 408 12.94 -29.56 -4.42
C ILE B 408 11.70 -30.43 -4.17
N ARG B 409 11.91 -31.57 -3.53
CA ARG B 409 10.83 -32.50 -3.20
C ARG B 409 9.73 -31.81 -2.39
N VAL B 410 10.15 -31.07 -1.36
CA VAL B 410 9.22 -30.42 -0.44
C VAL B 410 8.49 -29.24 -1.08
N HIS B 411 9.24 -28.40 -1.79
CA HIS B 411 8.68 -27.16 -2.35
C HIS B 411 8.07 -27.30 -3.76
N SER B 412 8.01 -28.52 -4.28
CA SER B 412 7.26 -28.79 -5.49
C SER B 412 5.75 -28.57 -5.29
N LYS B 413 5.30 -28.63 -4.04
CA LYS B 413 3.90 -28.37 -3.70
C LYS B 413 3.51 -26.90 -3.85
N TYR B 414 4.49 -26.00 -3.70
CA TYR B 414 4.22 -24.56 -3.60
C TYR B 414 4.71 -23.72 -4.79
N TRP B 415 5.81 -24.14 -5.42
CA TRP B 415 6.43 -23.35 -6.48
C TRP B 415 6.50 -24.13 -7.79
N GLY B 416 6.01 -23.51 -8.87
CA GLY B 416 5.97 -24.13 -10.19
C GLY B 416 7.33 -24.50 -10.75
N CYS B 417 8.35 -23.70 -10.43
CA CYS B 417 9.72 -23.97 -10.87
C CYS B 417 10.31 -25.22 -10.19
N MET B 418 9.75 -25.62 -9.06
CA MET B 418 10.17 -26.84 -8.35
C MET B 418 9.41 -28.10 -8.78
N GLN B 419 8.47 -27.98 -9.70
CA GLN B 419 7.59 -29.11 -10.07
C GLN B 419 8.17 -29.95 -11.21
N ARG B 420 8.08 -31.27 -11.06
CA ARG B 420 8.62 -32.27 -12.00
C ARG B 420 9.96 -31.87 -12.63
N THR C 39 -14.12 1.59 -22.70
CA THR C 39 -13.89 2.06 -21.30
C THR C 39 -12.85 3.18 -21.28
N THR C 40 -13.25 4.34 -20.76
CA THR C 40 -12.34 5.48 -20.61
C THR C 40 -11.64 5.40 -19.26
N GLY C 41 -10.40 5.88 -19.22
CA GLY C 41 -9.59 5.88 -18.00
C GLY C 41 -9.40 7.27 -17.42
N LEU C 42 -9.25 7.35 -16.09
CA LEU C 42 -8.99 8.60 -15.40
C LEU C 42 -7.91 8.41 -14.34
N ILE C 43 -6.92 9.29 -14.34
CA ILE C 43 -5.80 9.21 -13.40
C ILE C 43 -5.82 10.38 -12.42
N TYR C 44 -5.69 10.06 -11.13
CA TYR C 44 -5.61 11.07 -10.08
C TYR C 44 -5.10 10.45 -8.78
N ASP C 45 -4.34 11.24 -8.02
CA ASP C 45 -3.91 10.83 -6.68
C ASP C 45 -3.60 12.08 -5.84
N SER C 46 -3.80 11.96 -4.53
CA SER C 46 -3.62 13.09 -3.62
C SER C 46 -2.16 13.54 -3.47
N VAL C 47 -1.22 12.66 -3.79
CA VAL C 47 0.21 12.97 -3.71
C VAL C 47 0.58 14.24 -4.50
N MET C 48 -0.07 14.44 -5.64
CA MET C 48 0.19 15.60 -6.49
C MET C 48 -0.34 16.92 -5.91
N LEU C 49 -1.25 16.84 -4.93
CA LEU C 49 -1.76 18.03 -4.25
C LEU C 49 -0.71 18.66 -3.33
N LYS C 50 0.25 17.84 -2.88
CA LYS C 50 1.25 18.28 -1.90
C LYS C 50 2.35 19.16 -2.51
N HIS C 51 2.43 19.22 -3.84
CA HIS C 51 3.32 20.17 -4.50
C HIS C 51 2.80 21.59 -4.33
N GLN C 52 3.33 22.27 -3.33
CA GLN C 52 2.93 23.65 -3.03
C GLN C 52 3.99 24.32 -2.15
N CYS C 53 4.18 25.62 -2.35
CA CYS C 53 5.23 26.36 -1.66
C CYS C 53 5.02 26.38 -0.15
N SER C 54 6.12 26.54 0.58
CA SER C 54 6.09 26.56 2.04
C SER C 54 5.34 27.77 2.60
N CYS C 55 5.31 28.87 1.85
CA CYS C 55 4.58 30.08 2.25
C CYS C 55 3.07 29.90 2.24
N GLY C 56 2.58 28.89 1.52
CA GLY C 56 1.16 28.53 1.52
C GLY C 56 0.24 29.58 0.92
N ASP C 57 0.78 30.40 0.02
CA ASP C 57 0.02 31.47 -0.63
C ASP C 57 -0.31 31.05 -2.06
N ASN C 58 -1.58 30.78 -2.32
CA ASN C 58 -2.03 30.27 -3.62
C ASN C 58 -2.22 31.35 -4.68
N SER C 59 -2.34 32.60 -4.25
CA SER C 59 -2.51 33.73 -5.17
C SER C 59 -1.19 34.09 -5.86
N ARG C 60 -0.10 34.12 -5.09
CA ARG C 60 1.23 34.41 -5.66
C ARG C 60 1.88 33.19 -6.32
N HIS C 61 1.26 32.03 -6.18
CA HIS C 61 1.70 30.81 -6.87
C HIS C 61 0.52 30.22 -7.65
N PRO C 62 0.28 30.71 -8.88
CA PRO C 62 -0.87 30.34 -9.72
C PRO C 62 -1.12 28.84 -9.87
N GLU C 63 -0.04 28.07 -10.05
CA GLU C 63 -0.15 26.63 -10.25
C GLU C 63 -0.30 25.93 -8.89
N HIS C 64 -1.54 25.88 -8.39
CA HIS C 64 -1.83 25.34 -7.05
C HIS C 64 -2.60 24.02 -7.12
N ALA C 65 -2.74 23.37 -5.96
CA ALA C 65 -3.35 22.04 -5.87
C ALA C 65 -4.85 22.04 -6.18
N GLY C 66 -5.52 23.17 -5.92
CA GLY C 66 -6.95 23.31 -6.21
C GLY C 66 -7.36 23.12 -7.66
N ARG C 67 -6.40 23.22 -8.58
CA ARG C 67 -6.64 23.01 -10.00
C ARG C 67 -7.13 21.60 -10.29
N ILE C 68 -6.37 20.59 -9.85
CA ILE C 68 -6.73 19.19 -10.08
C ILE C 68 -7.87 18.72 -9.18
N GLN C 69 -7.95 19.28 -7.97
CA GLN C 69 -9.01 18.94 -7.00
C GLN C 69 -10.39 19.36 -7.51
N SER C 70 -10.47 20.57 -8.04
CA SER C 70 -11.73 21.12 -8.58
C SER C 70 -12.22 20.31 -9.78
N ILE C 71 -11.31 19.91 -10.65
CA ILE C 71 -11.64 19.09 -11.82
C ILE C 71 -12.05 17.69 -11.39
N TRP C 72 -11.30 17.11 -10.47
CA TRP C 72 -11.56 15.75 -9.97
C TRP C 72 -12.93 15.64 -9.29
N SER C 73 -13.33 16.69 -8.58
CA SER C 73 -14.65 16.75 -7.96
C SER C 73 -15.75 16.98 -8.99
N ARG C 74 -15.47 17.83 -9.98
CA ARG C 74 -16.42 18.12 -11.07
C ARG C 74 -16.82 16.85 -11.83
N LEU C 75 -15.86 15.93 -12.01
CA LEU C 75 -16.14 14.67 -12.70
C LEU C 75 -17.10 13.78 -11.92
N GLN C 76 -17.02 13.82 -10.59
CA GLN C 76 -17.94 13.07 -9.72
C GLN C 76 -19.33 13.72 -9.71
N GLU C 77 -19.37 15.03 -9.58
CA GLU C 77 -20.63 15.79 -9.52
C GLU C 77 -21.49 15.60 -10.77
N ARG C 78 -20.85 15.52 -11.93
CA ARG C 78 -21.55 15.35 -13.21
C ARG C 78 -21.70 13.88 -13.61
N GLY C 79 -21.19 12.97 -12.78
CA GLY C 79 -21.36 11.53 -13.00
C GLY C 79 -20.51 10.96 -14.13
N LEU C 80 -19.29 11.47 -14.27
CA LEU C 80 -18.35 10.98 -15.26
C LEU C 80 -17.42 9.90 -14.69
N ARG C 81 -17.07 10.05 -13.42
CA ARG C 81 -16.24 9.05 -12.72
C ARG C 81 -16.94 7.71 -12.54
N SER C 82 -18.26 7.71 -12.51
CA SER C 82 -19.04 6.49 -12.42
C SER C 82 -18.92 5.62 -13.68
N GLN C 83 -18.76 6.28 -14.83
CA GLN C 83 -18.63 5.60 -16.12
C GLN C 83 -17.20 5.19 -16.45
N CYS C 84 -16.22 5.88 -15.84
CA CYS C 84 -14.80 5.67 -16.16
C CYS C 84 -14.12 4.66 -15.23
N GLU C 85 -12.95 4.22 -15.65
CA GLU C 85 -12.07 3.37 -14.83
C GLU C 85 -11.07 4.28 -14.12
N CYS C 86 -11.37 4.62 -12.86
CA CYS C 86 -10.52 5.51 -12.08
C CYS C 86 -9.31 4.76 -11.53
N LEU C 87 -8.13 5.38 -11.65
CA LEU C 87 -6.87 4.75 -11.32
C LEU C 87 -5.98 5.71 -10.53
N ARG C 88 -5.14 5.16 -9.65
CA ARG C 88 -4.28 5.97 -8.79
C ARG C 88 -3.08 6.53 -9.55
N GLY C 89 -2.35 5.65 -10.23
CA GLY C 89 -1.13 6.02 -10.95
C GLY C 89 0.10 5.49 -10.24
N ARG C 90 1.26 6.06 -10.55
CA ARG C 90 2.51 5.64 -9.92
C ARG C 90 3.62 6.67 -10.12
N LYS C 91 4.71 6.50 -9.37
CA LYS C 91 5.92 7.29 -9.55
C LYS C 91 6.67 6.81 -10.79
N ALA C 92 7.18 7.75 -11.58
CA ALA C 92 8.07 7.43 -12.69
C ALA C 92 9.43 7.06 -12.12
N SER C 93 10.01 5.96 -12.61
CA SER C 93 11.33 5.54 -12.17
C SER C 93 12.40 6.48 -12.75
N LEU C 94 13.57 6.50 -12.13
CA LEU C 94 14.69 7.33 -12.58
C LEU C 94 15.11 7.00 -14.02
N GLU C 95 14.99 5.73 -14.40
CA GLU C 95 15.31 5.29 -15.77
C GLU C 95 14.31 5.84 -16.79
N GLU C 96 13.04 5.95 -16.39
CA GLU C 96 12.01 6.55 -17.24
C GLU C 96 12.24 8.05 -17.43
N LEU C 97 12.79 8.70 -16.41
CA LEU C 97 13.13 10.12 -16.47
C LEU C 97 14.37 10.36 -17.35
N GLN C 98 15.32 9.42 -17.30
CA GLN C 98 16.54 9.49 -18.10
C GLN C 98 16.31 9.46 -19.61
N SER C 99 15.21 8.83 -20.03
CA SER C 99 14.87 8.74 -21.45
C SER C 99 14.68 10.12 -22.08
N VAL C 100 14.17 11.07 -21.30
CA VAL C 100 13.94 12.43 -21.75
C VAL C 100 14.96 13.43 -21.18
N HIS C 101 15.36 13.24 -19.93
CA HIS C 101 16.20 14.22 -19.22
C HIS C 101 17.62 13.75 -18.94
N SER C 102 18.49 14.70 -18.61
CA SER C 102 19.89 14.43 -18.31
C SER C 102 20.06 13.80 -16.93
N GLU C 103 21.26 13.29 -16.66
CA GLU C 103 21.56 12.60 -15.41
C GLU C 103 21.55 13.54 -14.20
N ARG C 104 22.08 14.74 -14.37
CA ARG C 104 22.08 15.75 -13.30
C ARG C 104 20.67 16.28 -13.03
N HIS C 105 19.88 16.44 -14.09
CA HIS C 105 18.50 16.89 -13.97
C HIS C 105 17.65 15.88 -13.19
N VAL C 106 17.89 14.59 -13.44
CA VAL C 106 17.14 13.51 -12.79
C VAL C 106 17.52 13.38 -11.31
N LEU C 107 18.80 13.54 -11.00
CA LEU C 107 19.26 13.48 -9.60
C LEU C 107 18.79 14.69 -8.79
N LEU C 108 18.79 15.87 -9.42
CA LEU C 108 18.44 17.11 -8.72
C LEU C 108 16.96 17.19 -8.35
N TYR C 109 16.09 16.82 -9.30
CA TYR C 109 14.65 16.97 -9.12
C TYR C 109 13.91 15.65 -8.86
N GLY C 110 14.60 14.52 -9.02
CA GLY C 110 13.99 13.20 -8.84
C GLY C 110 14.30 12.50 -7.53
N THR C 111 15.12 13.14 -6.70
CA THR C 111 15.49 12.58 -5.39
C THR C 111 15.58 13.65 -4.29
N ASN C 112 15.59 13.21 -3.04
CA ASN C 112 15.60 14.08 -1.87
C ASN C 112 16.72 13.68 -0.89
N PRO C 113 16.99 14.50 0.14
CA PRO C 113 16.50 15.85 0.42
C PRO C 113 17.57 16.92 0.19
N LEU C 136 13.74 32.62 -3.07
CA LEU C 136 12.54 33.33 -3.48
C LEU C 136 12.22 34.44 -2.48
N PRO C 137 11.49 35.48 -2.93
CA PRO C 137 11.15 36.60 -2.04
C PRO C 137 10.18 36.24 -0.92
N CYS C 138 9.35 35.22 -1.13
CA CYS C 138 8.40 34.76 -0.13
C CYS C 138 9.06 34.00 1.02
N GLY C 139 10.23 33.43 0.76
CA GLY C 139 10.97 32.65 1.76
C GLY C 139 11.16 31.20 1.35
N GLY C 140 10.23 30.68 0.57
CA GLY C 140 10.31 29.31 0.08
C GLY C 140 11.39 29.10 -0.95
N VAL C 141 11.64 27.83 -1.28
CA VAL C 141 12.66 27.46 -2.26
C VAL C 141 12.03 27.26 -3.64
N GLY C 142 12.82 27.47 -4.69
CA GLY C 142 12.38 27.21 -6.06
C GLY C 142 13.54 27.23 -7.04
N VAL C 143 13.31 26.78 -8.27
CA VAL C 143 14.32 26.87 -9.32
C VAL C 143 14.33 28.27 -9.92
N ASP C 144 13.15 28.89 -9.96
CA ASP C 144 13.01 30.30 -10.32
C ASP C 144 11.80 30.90 -9.60
N THR C 145 11.47 32.16 -9.93
CA THR C 145 10.37 32.88 -9.28
C THR C 145 9.02 32.16 -9.40
N ASP C 146 8.74 31.63 -10.59
CA ASP C 146 7.47 30.94 -10.86
C ASP C 146 7.48 29.48 -10.42
N THR C 147 8.58 28.79 -10.69
CA THR C 147 8.69 27.36 -10.44
C THR C 147 9.08 27.08 -8.98
N ILE C 148 8.12 26.62 -8.20
CA ILE C 148 8.29 26.42 -6.75
C ILE C 148 8.86 25.03 -6.41
N TRP C 149 9.60 24.94 -5.31
CA TRP C 149 10.18 23.67 -4.89
C TRP C 149 9.90 23.34 -3.41
N ASN C 150 8.91 22.49 -3.18
CA ASN C 150 8.66 21.93 -1.86
C ASN C 150 9.69 20.82 -1.59
N GLU C 151 10.44 20.98 -0.50
CA GLU C 151 11.58 20.10 -0.21
C GLU C 151 11.20 18.66 0.18
N LEU C 152 9.92 18.42 0.46
CA LEU C 152 9.44 17.08 0.80
C LEU C 152 8.62 16.44 -0.33
N HIS C 153 7.78 17.22 -1.00
CA HIS C 153 6.72 16.67 -1.86
C HIS C 153 6.84 16.93 -3.36
N SER C 154 7.55 17.99 -3.75
CA SER C 154 7.63 18.39 -5.16
C SER C 154 8.18 17.29 -6.07
N SER C 155 9.25 16.64 -5.61
CA SER C 155 9.87 15.56 -6.37
C SER C 155 8.90 14.38 -6.55
N ASN C 156 8.16 14.06 -5.50
CA ASN C 156 7.17 12.97 -5.55
C ASN C 156 6.04 13.28 -6.53
N ALA C 157 5.54 14.52 -6.48
CA ALA C 157 4.45 14.96 -7.35
C ALA C 157 4.86 14.96 -8.81
N ALA C 158 6.01 15.57 -9.10
CA ALA C 158 6.54 15.65 -10.46
C ALA C 158 6.75 14.26 -11.06
N ARG C 159 7.30 13.35 -10.27
CA ARG C 159 7.47 11.96 -10.69
C ARG C 159 6.14 11.24 -10.83
N TRP C 160 5.17 11.57 -9.97
CA TRP C 160 3.84 10.98 -10.05
C TRP C 160 3.11 11.43 -11.32
N ALA C 161 3.23 12.70 -11.67
CA ALA C 161 2.65 13.23 -12.91
C ALA C 161 3.23 12.52 -14.14
N ALA C 162 4.55 12.40 -14.17
CA ALA C 162 5.25 11.75 -15.28
C ALA C 162 4.98 10.23 -15.32
N GLY C 163 4.94 9.61 -14.15
CA GLY C 163 4.68 8.17 -14.06
C GLY C 163 3.25 7.80 -14.39
N SER C 164 2.30 8.66 -14.02
CA SER C 164 0.88 8.39 -14.22
C SER C 164 0.46 8.51 -15.68
N VAL C 165 0.95 9.54 -16.36
CA VAL C 165 0.67 9.74 -17.80
C VAL C 165 1.29 8.60 -18.60
N THR C 166 2.50 8.19 -18.23
CA THR C 166 3.18 7.06 -18.85
C THR C 166 2.41 5.76 -18.66
N ASP C 167 1.86 5.57 -17.45
CA ASP C 167 1.09 4.36 -17.13
C ASP C 167 -0.22 4.32 -17.92
N LEU C 168 -0.88 5.48 -18.02
CA LEU C 168 -2.14 5.60 -18.77
C LEU C 168 -1.94 5.34 -20.26
N ALA C 169 -0.83 5.84 -20.81
CA ALA C 169 -0.52 5.67 -22.23
C ALA C 169 -0.29 4.20 -22.60
N PHE C 170 0.39 3.47 -21.72
CA PHE C 170 0.66 2.05 -21.93
C PHE C 170 -0.62 1.20 -21.96
N LYS C 171 -1.57 1.52 -21.08
CA LYS C 171 -2.83 0.77 -21.01
C LYS C 171 -3.71 1.03 -22.25
N VAL C 172 -3.72 2.28 -22.71
CA VAL C 172 -4.45 2.63 -23.94
C VAL C 172 -3.76 2.03 -25.16
N ALA C 173 -2.43 2.00 -25.14
CA ALA C 173 -1.64 1.37 -26.21
C ALA C 173 -1.80 -0.17 -26.23
N SER C 174 -2.03 -0.76 -25.06
CA SER C 174 -2.24 -2.20 -24.93
C SER C 174 -3.70 -2.63 -25.13
N ARG C 175 -4.55 -1.69 -25.55
CA ARG C 175 -5.98 -1.93 -25.77
C ARG C 175 -6.77 -2.27 -24.49
N GLU C 176 -6.22 -1.91 -23.33
CA GLU C 176 -6.90 -2.14 -22.05
C GLU C 176 -7.96 -1.05 -21.82
N LEU C 177 -7.62 0.19 -22.15
CA LEU C 177 -8.59 1.27 -22.23
C LEU C 177 -8.69 1.74 -23.68
N LYS C 178 -9.85 2.30 -24.05
CA LYS C 178 -10.02 2.90 -25.37
C LYS C 178 -9.30 4.24 -25.41
N ASN C 179 -9.51 5.05 -24.37
CA ASN C 179 -8.87 6.35 -24.24
C ASN C 179 -8.73 6.73 -22.76
N GLY C 180 -8.17 7.91 -22.48
CA GLY C 180 -8.00 8.34 -21.10
C GLY C 180 -7.63 9.80 -20.91
N PHE C 181 -7.77 10.28 -19.67
CA PHE C 181 -7.41 11.64 -19.31
C PHE C 181 -6.67 11.64 -17.96
N ALA C 182 -5.51 12.29 -17.93
CA ALA C 182 -4.67 12.32 -16.73
C ALA C 182 -4.76 13.68 -16.04
N VAL C 183 -5.44 13.71 -14.89
CA VAL C 183 -5.58 14.93 -14.11
C VAL C 183 -4.36 15.06 -13.20
N VAL C 184 -3.26 15.55 -13.76
CA VAL C 184 -1.98 15.59 -13.05
C VAL C 184 -1.40 17.00 -12.93
N ARG C 185 -0.59 17.18 -11.88
CA ARG C 185 0.20 18.39 -11.70
C ARG C 185 1.48 18.03 -10.94
N PRO C 186 2.56 18.82 -11.14
CA PRO C 186 2.67 19.98 -12.01
C PRO C 186 2.74 19.62 -13.49
N PRO C 187 2.58 20.62 -14.39
CA PRO C 187 2.68 20.38 -15.83
C PRO C 187 4.10 20.01 -16.26
N GLY C 188 4.27 19.68 -17.53
CA GLY C 188 5.55 19.17 -18.03
C GLY C 188 6.11 19.74 -19.34
N HIS C 189 5.24 20.26 -20.20
CA HIS C 189 5.63 20.59 -21.57
C HIS C 189 6.71 21.69 -21.73
N HIS C 190 6.95 22.46 -20.68
CA HIS C 190 8.04 23.45 -20.69
C HIS C 190 9.39 22.87 -20.25
N ALA C 191 9.36 21.73 -19.54
CA ALA C 191 10.58 21.11 -19.04
C ALA C 191 11.40 20.50 -20.18
N ASP C 192 12.69 20.86 -20.22
CA ASP C 192 13.59 20.40 -21.29
C ASP C 192 14.57 19.35 -20.75
N HIS C 193 15.39 18.80 -21.64
CA HIS C 193 16.38 17.78 -21.30
C HIS C 193 17.17 18.09 -20.03
N SER C 194 17.61 19.34 -19.89
CA SER C 194 18.41 19.76 -18.74
C SER C 194 17.90 21.05 -18.11
N THR C 195 16.60 21.32 -18.25
CA THR C 195 16.03 22.59 -17.80
C THR C 195 14.61 22.42 -17.25
N ALA C 196 14.42 22.84 -15.99
CA ALA C 196 13.11 22.93 -15.37
C ALA C 196 12.69 24.39 -15.38
N MET C 197 11.54 24.68 -16.00
CA MET C 197 11.09 26.07 -16.18
C MET C 197 9.58 26.14 -16.35
N GLY C 198 9.04 27.34 -16.15
CA GLY C 198 7.61 27.61 -16.39
C GLY C 198 6.67 26.61 -15.74
N PHE C 199 6.81 26.45 -14.43
CA PHE C 199 5.98 25.55 -13.62
C PHE C 199 6.17 24.05 -13.95
N CYS C 200 7.24 23.70 -14.65
CA CYS C 200 7.47 22.33 -15.09
C CYS C 200 8.85 21.81 -14.68
N PHE C 201 8.91 20.50 -14.38
CA PHE C 201 10.16 19.84 -13.98
C PHE C 201 10.49 18.67 -14.90
N PHE C 202 9.50 17.81 -15.13
CA PHE C 202 9.64 16.69 -16.05
C PHE C 202 8.57 16.76 -17.12
N ASN C 203 8.96 16.56 -18.38
CA ASN C 203 8.02 16.53 -19.49
C ASN C 203 7.27 15.20 -19.51
N SER C 204 6.15 15.18 -18.80
CA SER C 204 5.35 13.96 -18.63
C SER C 204 4.94 13.35 -19.97
N VAL C 205 4.43 14.19 -20.87
CA VAL C 205 3.97 13.74 -22.18
C VAL C 205 5.12 13.21 -23.03
N ALA C 206 6.29 13.84 -22.92
CA ALA C 206 7.48 13.39 -23.65
C ALA C 206 8.03 12.08 -23.10
N ILE C 207 8.02 11.93 -21.78
CA ILE C 207 8.47 10.69 -21.14
C ILE C 207 7.54 9.54 -21.51
N ALA C 208 6.24 9.79 -21.41
CA ALA C 208 5.22 8.81 -21.79
C ALA C 208 5.39 8.39 -23.26
N CYS C 209 5.75 9.35 -24.11
CA CYS C 209 5.98 9.08 -25.54
C CYS C 209 7.23 8.24 -25.77
N ARG C 210 8.33 8.59 -25.11
CA ARG C 210 9.61 7.88 -25.28
C ARG C 210 9.53 6.43 -24.80
N GLN C 211 8.95 6.21 -23.62
CA GLN C 211 8.81 4.86 -23.08
C GLN C 211 7.88 4.00 -23.93
N LEU C 212 6.91 4.63 -24.58
CA LEU C 212 5.98 3.95 -25.47
C LEU C 212 6.71 3.42 -26.73
N GLN C 213 7.74 4.14 -27.17
CA GLN C 213 8.56 3.73 -28.31
C GLN C 213 9.54 2.62 -27.94
N GLN C 214 10.17 2.75 -26.78
CA GLN C 214 11.20 1.78 -26.34
C GLN C 214 10.63 0.39 -26.09
N GLN C 215 9.41 0.32 -25.57
CA GLN C 215 8.75 -0.96 -25.27
C GLN C 215 7.93 -1.49 -26.46
N SER C 216 8.06 -0.84 -27.62
CA SER C 216 7.34 -1.24 -28.84
C SER C 216 5.82 -1.28 -28.64
N LYS C 217 5.28 -0.23 -28.01
CA LYS C 217 3.84 -0.08 -27.83
C LYS C 217 3.21 0.65 -29.02
N ALA C 218 4.00 1.51 -29.66
CA ALA C 218 3.55 2.23 -30.85
C ALA C 218 4.74 2.82 -31.60
N SER C 219 4.69 2.78 -32.92
CA SER C 219 5.75 3.36 -33.76
C SER C 219 5.47 4.84 -34.00
N LYS C 220 4.39 5.12 -34.73
CA LYS C 220 4.02 6.50 -35.09
C LYS C 220 3.22 7.12 -33.94
N ILE C 221 3.77 8.19 -33.35
CA ILE C 221 3.12 8.89 -32.23
C ILE C 221 2.84 10.35 -32.58
N LEU C 222 1.63 10.80 -32.26
CA LEU C 222 1.23 12.20 -32.45
C LEU C 222 1.10 12.88 -31.10
N ILE C 223 1.68 14.08 -30.98
CA ILE C 223 1.49 14.93 -29.80
C ILE C 223 0.81 16.22 -30.22
N VAL C 224 -0.43 16.41 -29.77
CA VAL C 224 -1.17 17.64 -30.02
C VAL C 224 -1.22 18.45 -28.74
N ASP C 225 -0.64 19.64 -28.77
CA ASP C 225 -0.48 20.47 -27.58
C ASP C 225 -1.28 21.76 -27.75
N TRP C 226 -2.50 21.79 -27.21
CA TRP C 226 -3.38 22.96 -27.36
C TRP C 226 -3.36 23.94 -26.17
N ASP C 227 -2.41 23.75 -25.25
CA ASP C 227 -2.13 24.74 -24.21
C ASP C 227 -1.75 26.06 -24.89
N VAL C 228 -2.09 27.19 -24.28
CA VAL C 228 -1.85 28.50 -24.90
C VAL C 228 -0.36 28.85 -25.03
N HIS C 229 0.49 28.23 -24.21
CA HIS C 229 1.94 28.44 -24.27
C HIS C 229 2.62 27.36 -25.11
N HIS C 230 3.77 27.68 -25.70
CA HIS C 230 4.51 26.72 -26.52
C HIS C 230 5.26 25.70 -25.67
N GLY C 231 5.05 24.42 -25.96
CA GLY C 231 5.78 23.35 -25.28
C GLY C 231 7.17 23.21 -25.84
N ASN C 232 8.06 24.12 -25.43
CA ASN C 232 9.44 24.15 -25.91
C ASN C 232 10.19 22.84 -25.61
N GLY C 233 9.95 22.29 -24.43
CA GLY C 233 10.58 21.03 -24.03
C GLY C 233 10.19 19.88 -24.92
N THR C 234 8.92 19.82 -25.29
CA THR C 234 8.41 18.76 -26.15
C THR C 234 8.95 18.90 -27.58
N GLN C 235 9.01 20.13 -28.08
CA GLN C 235 9.59 20.39 -29.40
C GLN C 235 11.06 19.97 -29.46
N GLN C 236 11.83 20.38 -28.45
CA GLN C 236 13.27 20.12 -28.40
C GLN C 236 13.58 18.62 -28.34
N THR C 237 12.82 17.90 -27.53
CA THR C 237 13.05 16.47 -27.29
C THR C 237 12.97 15.64 -28.57
N PHE C 238 11.91 15.85 -29.35
CA PHE C 238 11.65 15.02 -30.53
C PHE C 238 11.92 15.78 -31.85
N TYR C 239 12.86 16.72 -31.84
CA TYR C 239 13.10 17.58 -33.01
C TYR C 239 13.70 16.79 -34.18
N GLN C 240 14.53 15.80 -33.88
CA GLN C 240 15.17 14.97 -34.90
C GLN C 240 14.33 13.74 -35.28
N ASP C 241 13.30 13.44 -34.51
CA ASP C 241 12.57 12.18 -34.62
C ASP C 241 11.42 12.27 -35.64
N PRO C 242 11.46 11.43 -36.69
CA PRO C 242 10.33 11.36 -37.64
C PRO C 242 9.17 10.48 -37.16
N SER C 243 9.41 9.65 -36.15
CA SER C 243 8.37 8.76 -35.61
C SER C 243 7.40 9.50 -34.66
N VAL C 244 7.78 10.70 -34.24
CA VAL C 244 6.92 11.54 -33.40
C VAL C 244 6.53 12.82 -34.13
N LEU C 245 5.24 13.15 -34.11
CA LEU C 245 4.73 14.37 -34.72
C LEU C 245 4.22 15.32 -33.64
N TYR C 246 4.77 16.54 -33.60
CA TYR C 246 4.39 17.54 -32.61
C TYR C 246 3.67 18.69 -33.29
N ILE C 247 2.38 18.83 -33.01
CA ILE C 247 1.58 19.94 -33.51
C ILE C 247 1.19 20.82 -32.34
N SER C 248 1.59 22.08 -32.40
CA SER C 248 1.39 23.02 -31.30
C SER C 248 0.61 24.25 -31.75
N LEU C 249 -0.52 24.50 -31.10
CA LEU C 249 -1.28 25.74 -31.28
C LEU C 249 -0.97 26.65 -30.08
N HIS C 250 -0.36 27.81 -30.33
CA HIS C 250 -0.02 28.72 -29.24
C HIS C 250 -0.04 30.19 -29.65
N ARG C 251 -0.24 31.04 -28.65
CA ARG C 251 -0.05 32.47 -28.79
C ARG C 251 1.44 32.73 -28.92
N HIS C 252 1.86 33.31 -30.05
CA HIS C 252 3.27 33.56 -30.32
C HIS C 252 3.57 35.06 -30.36
N ASP C 253 2.82 35.78 -31.19
CA ASP C 253 2.96 37.24 -31.33
C ASP C 253 4.41 37.65 -31.62
N ASP C 254 5.01 37.02 -32.62
CA ASP C 254 6.38 37.29 -33.03
C ASP C 254 7.38 37.13 -31.88
N GLY C 255 7.19 36.10 -31.08
CA GLY C 255 8.08 35.78 -29.96
C GLY C 255 7.94 36.70 -28.76
N ASN C 256 6.77 37.36 -28.65
CA ASN C 256 6.51 38.30 -27.56
C ASN C 256 5.56 37.70 -26.51
N PHE C 257 5.76 36.42 -26.21
CA PHE C 257 4.92 35.69 -25.25
C PHE C 257 5.65 34.44 -24.78
N PHE C 258 5.48 34.11 -23.49
CA PHE C 258 6.18 32.98 -22.88
C PHE C 258 5.87 31.67 -23.62
N PRO C 259 6.91 30.85 -23.87
CA PRO C 259 8.33 31.00 -23.53
C PRO C 259 9.17 31.71 -24.60
N GLY C 260 8.53 32.32 -25.59
CA GLY C 260 9.24 33.06 -26.64
C GLY C 260 9.70 32.22 -27.81
N SER C 261 9.45 30.91 -27.75
CA SER C 261 9.87 29.97 -28.80
C SER C 261 8.66 29.46 -29.59
N GLY C 262 8.92 28.63 -30.58
CA GLY C 262 7.87 27.95 -31.35
C GLY C 262 7.42 28.71 -32.58
N ALA C 263 8.35 29.39 -33.25
CA ALA C 263 8.04 30.09 -34.49
C ALA C 263 7.59 29.10 -35.58
N VAL C 264 6.82 29.59 -36.52
CA VAL C 264 6.30 28.75 -37.61
C VAL C 264 7.42 28.12 -38.45
N ASP C 265 8.53 28.83 -38.58
CA ASP C 265 9.66 28.37 -39.41
C ASP C 265 10.39 27.15 -38.83
N GLU C 266 10.24 26.93 -37.52
CA GLU C 266 10.84 25.77 -36.86
C GLU C 266 10.07 24.50 -37.18
N VAL C 267 10.62 23.69 -38.08
CA VAL C 267 9.91 22.56 -38.67
C VAL C 267 10.52 21.18 -38.34
N GLY C 268 11.62 21.17 -37.60
CA GLY C 268 12.36 19.93 -37.30
C GLY C 268 13.65 19.87 -38.08
N ALA C 269 14.49 18.89 -37.77
CA ALA C 269 15.79 18.72 -38.42
C ALA C 269 16.09 17.25 -38.71
N GLY C 270 17.05 17.03 -39.62
CA GLY C 270 17.47 15.68 -40.00
C GLY C 270 16.33 14.86 -40.60
N SER C 271 16.21 13.62 -40.15
CA SER C 271 15.12 12.74 -40.58
C SER C 271 13.75 13.28 -40.15
N GLY C 272 13.70 13.97 -39.01
CA GLY C 272 12.46 14.54 -38.49
C GLY C 272 12.10 15.91 -39.04
N GLU C 273 12.71 16.31 -40.16
CA GLU C 273 12.41 17.60 -40.79
C GLU C 273 11.02 17.57 -41.42
N GLY C 274 10.14 18.45 -40.96
CA GLY C 274 8.76 18.50 -41.41
C GLY C 274 7.76 17.96 -40.41
N PHE C 275 8.25 17.22 -39.42
CA PHE C 275 7.39 16.59 -38.41
C PHE C 275 7.20 17.46 -37.16
N ASN C 276 7.53 18.75 -37.24
CA ASN C 276 7.24 19.71 -36.17
C ASN C 276 6.38 20.85 -36.72
N VAL C 277 5.12 20.93 -36.30
CA VAL C 277 4.19 21.92 -36.82
C VAL C 277 3.75 22.91 -35.73
N ASN C 278 4.31 24.12 -35.78
CA ASN C 278 3.92 25.18 -34.86
C ASN C 278 2.85 26.08 -35.48
N VAL C 279 1.61 25.92 -35.03
CA VAL C 279 0.54 26.85 -35.37
C VAL C 279 0.66 28.05 -34.44
N ALA C 280 1.57 28.96 -34.78
CA ALA C 280 1.88 30.12 -33.94
C ALA C 280 0.96 31.29 -34.27
N TRP C 281 0.03 31.58 -33.37
CA TRP C 281 -0.89 32.71 -33.54
C TRP C 281 -0.14 34.02 -33.34
N ALA C 282 -0.40 35.00 -34.21
CA ALA C 282 0.20 36.33 -34.09
C ALA C 282 -0.87 37.40 -34.14
N GLY C 283 -0.48 38.65 -33.90
CA GLY C 283 -1.37 39.80 -34.02
C GLY C 283 -2.08 40.23 -32.74
N GLY C 284 -1.66 39.70 -31.60
CA GLY C 284 -2.21 40.12 -30.30
C GLY C 284 -3.59 39.57 -30.02
N LEU C 285 -4.24 40.15 -29.01
CA LEU C 285 -5.53 39.66 -28.51
C LEU C 285 -6.73 40.28 -29.22
N ASP C 286 -6.52 41.39 -29.93
CA ASP C 286 -7.57 42.08 -30.65
C ASP C 286 -7.28 42.02 -32.16
N PRO C 287 -8.20 41.46 -32.97
CA PRO C 287 -9.52 40.90 -32.64
C PRO C 287 -9.45 39.58 -31.86
N PRO C 288 -10.58 39.17 -31.25
CA PRO C 288 -10.57 38.04 -30.31
C PRO C 288 -10.24 36.69 -30.94
N MET C 289 -9.34 35.95 -30.28
CA MET C 289 -9.02 34.57 -30.65
C MET C 289 -9.94 33.62 -29.88
N GLY C 290 -10.73 32.83 -30.59
CA GLY C 290 -11.71 31.94 -29.97
C GLY C 290 -11.95 30.64 -30.72
N ASP C 291 -13.21 30.20 -30.76
CA ASP C 291 -13.55 28.90 -31.33
C ASP C 291 -13.34 28.81 -32.86
N PRO C 292 -13.82 29.81 -33.62
CA PRO C 292 -13.68 29.73 -35.07
C PRO C 292 -12.22 29.59 -35.52
N GLU C 293 -11.31 30.24 -34.81
CA GLU C 293 -9.89 30.23 -35.15
C GLU C 293 -9.27 28.85 -34.87
N TYR C 294 -9.66 28.22 -33.77
CA TYR C 294 -9.18 26.89 -33.42
C TYR C 294 -9.85 25.79 -34.26
N LEU C 295 -11.15 25.95 -34.54
CA LEU C 295 -11.85 25.04 -35.43
C LEU C 295 -11.24 25.09 -36.83
N ALA C 296 -10.93 26.30 -37.29
CA ALA C 296 -10.25 26.51 -38.58
C ALA C 296 -8.89 25.82 -38.60
N ALA C 297 -8.14 25.99 -37.52
CA ALA C 297 -6.81 25.37 -37.38
C ALA C 297 -6.89 23.84 -37.45
N PHE C 298 -7.89 23.27 -36.78
CA PHE C 298 -8.10 21.82 -36.82
C PHE C 298 -8.60 21.34 -38.17
N ARG C 299 -9.47 22.15 -38.79
CA ARG C 299 -10.05 21.81 -40.08
C ARG C 299 -9.03 21.92 -41.22
N ILE C 300 -8.12 22.88 -41.13
CA ILE C 300 -7.19 23.19 -42.21
C ILE C 300 -5.78 22.60 -41.99
N VAL C 301 -5.29 22.62 -40.76
CA VAL C 301 -3.90 22.23 -40.47
C VAL C 301 -3.76 20.92 -39.69
N VAL C 302 -4.35 20.87 -38.49
CA VAL C 302 -4.06 19.78 -37.54
C VAL C 302 -4.49 18.40 -38.04
N MET C 303 -5.77 18.26 -38.36
CA MET C 303 -6.33 16.96 -38.75
C MET C 303 -5.84 16.45 -40.10
N PRO C 304 -5.77 17.32 -41.13
CA PRO C 304 -5.23 16.87 -42.42
C PRO C 304 -3.80 16.33 -42.31
N ILE C 305 -2.95 17.03 -41.57
CA ILE C 305 -1.57 16.58 -41.33
C ILE C 305 -1.55 15.33 -40.45
N ALA C 306 -2.41 15.30 -39.44
CA ALA C 306 -2.53 14.14 -38.54
C ALA C 306 -2.90 12.87 -39.30
N ARG C 307 -3.86 12.99 -40.23
CA ARG C 307 -4.33 11.84 -41.01
C ARG C 307 -3.29 11.36 -42.02
N GLU C 308 -2.57 12.30 -42.62
CA GLU C 308 -1.49 11.96 -43.55
C GLU C 308 -0.33 11.29 -42.80
N PHE C 309 -0.06 11.77 -41.60
CA PHE C 309 0.93 11.16 -40.71
C PHE C 309 0.45 9.78 -40.24
N SER C 310 -0.82 9.69 -39.86
CA SER C 310 -1.46 8.43 -39.48
C SER C 310 -0.80 7.78 -38.26
N PRO C 311 -1.03 8.35 -37.07
CA PRO C 311 -0.39 7.84 -35.85
C PRO C 311 -1.00 6.54 -35.34
N ASP C 312 -0.27 5.82 -34.49
CA ASP C 312 -0.77 4.64 -33.80
C ASP C 312 -1.46 5.06 -32.51
N LEU C 313 -0.89 6.05 -31.83
CA LEU C 313 -1.45 6.59 -30.60
C LEU C 313 -1.32 8.11 -30.57
N VAL C 314 -2.28 8.78 -29.93
CA VAL C 314 -2.29 10.23 -29.83
C VAL C 314 -2.14 10.68 -28.38
N LEU C 315 -1.05 11.41 -28.10
CA LEU C 315 -0.87 12.05 -26.80
C LEU C 315 -1.30 13.51 -26.93
N VAL C 316 -1.88 14.06 -25.87
CA VAL C 316 -2.35 15.43 -25.89
C VAL C 316 -1.94 16.20 -24.64
N SER C 317 -1.15 17.24 -24.84
CA SER C 317 -0.83 18.20 -23.79
C SER C 317 -2.00 19.16 -23.66
N ALA C 318 -3.00 18.74 -22.89
CA ALA C 318 -4.28 19.45 -22.81
C ALA C 318 -4.29 20.52 -21.71
N GLY C 319 -3.69 21.67 -22.03
CA GLY C 319 -3.77 22.83 -21.16
C GLY C 319 -4.97 23.67 -21.55
N PHE C 320 -5.69 24.19 -20.55
CA PHE C 320 -6.91 24.94 -20.79
C PHE C 320 -6.75 26.42 -20.44
N ASP C 321 -5.54 26.95 -20.60
CA ASP C 321 -5.25 28.37 -20.36
C ASP C 321 -5.58 29.24 -21.58
N ALA C 322 -5.98 28.60 -22.68
CA ALA C 322 -6.53 29.31 -23.83
C ALA C 322 -8.04 29.50 -23.68
N ALA C 323 -8.61 28.95 -22.61
CA ALA C 323 -10.06 29.02 -22.36
C ALA C 323 -10.49 30.40 -21.86
N GLU C 324 -11.80 30.57 -21.72
CA GLU C 324 -12.40 31.81 -21.23
C GLU C 324 -11.93 32.12 -19.81
N GLY C 325 -11.78 33.41 -19.50
CA GLY C 325 -11.43 33.84 -18.15
C GLY C 325 -9.95 33.69 -17.81
N HIS C 326 -9.08 33.97 -18.78
CA HIS C 326 -7.64 33.98 -18.57
C HIS C 326 -7.06 35.28 -19.12
N PRO C 327 -7.11 36.37 -18.33
CA PRO C 327 -6.64 37.66 -18.82
C PRO C 327 -5.12 37.69 -19.05
N ALA C 328 -4.67 38.61 -19.90
CA ALA C 328 -3.24 38.76 -20.17
C ALA C 328 -2.50 39.21 -18.91
N PRO C 329 -1.22 38.81 -18.75
CA PRO C 329 -0.41 38.04 -19.69
C PRO C 329 -0.44 36.52 -19.47
N LEU C 330 -1.58 35.99 -19.04
CA LEU C 330 -1.73 34.53 -18.86
C LEU C 330 -2.21 33.85 -20.15
N GLY C 331 -3.11 34.50 -20.87
CA GLY C 331 -3.65 33.94 -22.11
C GLY C 331 -4.37 34.97 -22.97
N GLY C 332 -5.58 35.34 -22.54
CA GLY C 332 -6.39 36.34 -23.24
C GLY C 332 -7.23 35.79 -24.39
N TYR C 333 -7.28 34.47 -24.52
CA TYR C 333 -8.04 33.81 -25.59
C TYR C 333 -9.41 33.41 -25.06
N HIS C 334 -10.34 33.12 -25.99
CA HIS C 334 -11.74 32.89 -25.65
C HIS C 334 -12.25 31.56 -26.21
N VAL C 335 -11.52 30.48 -25.96
CA VAL C 335 -11.92 29.15 -26.40
C VAL C 335 -12.95 28.57 -25.44
N SER C 336 -14.11 28.17 -25.98
CA SER C 336 -15.19 27.62 -25.15
C SER C 336 -14.88 26.17 -24.75
N ALA C 337 -15.55 25.71 -23.70
CA ALA C 337 -15.42 24.33 -23.23
C ALA C 337 -15.88 23.32 -24.28
N LYS C 338 -16.94 23.67 -25.00
CA LYS C 338 -17.49 22.82 -26.05
C LYS C 338 -16.50 22.64 -27.21
N CYS C 339 -15.69 23.65 -27.47
CA CYS C 339 -14.67 23.58 -28.51
C CYS C 339 -13.57 22.58 -28.14
N PHE C 340 -13.16 22.58 -26.88
CA PHE C 340 -12.18 21.60 -26.37
C PHE C 340 -12.72 20.17 -26.50
N GLY C 341 -14.00 20.00 -26.19
CA GLY C 341 -14.66 18.69 -26.33
C GLY C 341 -14.68 18.20 -27.76
N TYR C 342 -14.96 19.11 -28.69
CA TYR C 342 -15.01 18.77 -30.11
C TYR C 342 -13.61 18.54 -30.68
N MET C 343 -12.63 19.30 -30.21
CA MET C 343 -11.22 19.06 -30.57
C MET C 343 -10.76 17.69 -30.09
N THR C 344 -11.21 17.30 -28.90
CA THR C 344 -10.94 15.96 -28.38
C THR C 344 -11.65 14.89 -29.21
N GLN C 345 -12.89 15.17 -29.58
CA GLN C 345 -13.69 14.25 -30.41
C GLN C 345 -13.05 14.01 -31.77
N GLN C 346 -12.53 15.07 -32.39
CA GLN C 346 -11.88 14.96 -33.70
C GLN C 346 -10.62 14.09 -33.64
N LEU C 347 -9.84 14.25 -32.58
CA LEU C 347 -8.62 13.46 -32.39
C LEU C 347 -8.89 11.97 -32.18
N MET C 348 -10.08 11.64 -31.66
CA MET C 348 -10.46 10.24 -31.43
C MET C 348 -10.66 9.45 -32.73
N ASN C 349 -10.94 10.16 -33.83
CA ASN C 349 -11.03 9.52 -35.14
C ASN C 349 -9.65 9.05 -35.66
N LEU C 350 -8.58 9.58 -35.06
CA LEU C 350 -7.21 9.17 -35.38
C LEU C 350 -6.77 8.02 -34.49
N ALA C 351 -5.82 7.24 -34.99
CA ALA C 351 -5.15 6.18 -34.22
C ALA C 351 -6.09 5.09 -33.70
N GLY C 352 -7.21 4.88 -34.38
CA GLY C 352 -8.20 3.88 -33.99
C GLY C 352 -8.80 4.09 -32.61
N GLY C 353 -8.93 5.35 -32.20
CA GLY C 353 -9.52 5.70 -30.91
C GLY C 353 -8.54 5.87 -29.76
N ALA C 354 -7.28 5.51 -29.98
CA ALA C 354 -6.26 5.57 -28.93
C ALA C 354 -5.77 7.00 -28.71
N VAL C 355 -6.44 7.72 -27.81
CA VAL C 355 -6.07 9.09 -27.47
C VAL C 355 -5.93 9.25 -25.96
N VAL C 356 -4.86 9.92 -25.54
CA VAL C 356 -4.58 10.15 -24.12
C VAL C 356 -4.36 11.64 -23.86
N LEU C 357 -5.22 12.23 -23.02
CA LEU C 357 -5.11 13.63 -22.64
C LEU C 357 -4.37 13.74 -21.30
N ALA C 358 -3.46 14.70 -21.20
CA ALA C 358 -2.73 14.97 -19.96
C ALA C 358 -2.83 16.46 -19.64
N LEU C 359 -3.13 16.77 -18.37
CA LEU C 359 -3.32 18.15 -17.95
C LEU C 359 -2.01 18.93 -17.97
N GLU C 360 -2.06 20.14 -18.55
CA GLU C 360 -0.93 21.05 -18.57
C GLU C 360 -1.32 22.35 -17.84
N GLY C 361 -1.56 23.42 -18.58
CA GLY C 361 -1.91 24.72 -17.99
C GLY C 361 -3.40 24.90 -17.77
N GLY C 362 -3.78 26.11 -17.37
CA GLY C 362 -5.18 26.46 -17.05
C GLY C 362 -5.29 26.83 -15.59
N HIS C 363 -5.74 28.05 -15.31
CA HIS C 363 -5.81 28.58 -13.95
C HIS C 363 -7.24 28.74 -13.44
N ASP C 364 -8.08 29.43 -14.22
CA ASP C 364 -9.48 29.66 -13.86
C ASP C 364 -10.19 28.32 -13.62
N LEU C 365 -10.68 28.13 -12.40
CA LEU C 365 -11.25 26.85 -11.97
C LEU C 365 -12.53 26.51 -12.74
N THR C 366 -13.39 27.50 -12.96
CA THR C 366 -14.61 27.31 -13.74
C THR C 366 -14.30 26.93 -15.19
N ALA C 367 -13.29 27.60 -15.77
CA ALA C 367 -12.91 27.36 -17.15
C ALA C 367 -12.31 25.97 -17.36
N ILE C 368 -11.39 25.58 -16.48
CA ILE C 368 -10.71 24.29 -16.61
C ILE C 368 -11.59 23.10 -16.20
N CYS C 369 -12.60 23.35 -15.36
CA CYS C 369 -13.57 22.31 -15.00
C CYS C 369 -14.54 22.06 -16.15
N ASP C 370 -15.07 23.14 -16.73
CA ASP C 370 -15.99 23.05 -17.86
C ASP C 370 -15.32 22.42 -19.08
N ALA C 371 -14.09 22.82 -19.35
CA ALA C 371 -13.32 22.28 -20.48
C ALA C 371 -13.00 20.80 -20.27
N SER C 372 -12.57 20.44 -19.07
CA SER C 372 -12.25 19.05 -18.73
C SER C 372 -13.49 18.17 -18.70
N GLU C 373 -14.63 18.74 -18.28
CA GLU C 373 -15.91 18.04 -18.33
C GLU C 373 -16.26 17.69 -19.77
N ALA C 374 -16.08 18.64 -20.67
CA ALA C 374 -16.36 18.46 -22.10
C ALA C 374 -15.40 17.44 -22.74
N CYS C 375 -14.13 17.50 -22.35
CA CYS C 375 -13.12 16.57 -22.85
C CYS C 375 -13.41 15.14 -22.41
N VAL C 376 -13.73 14.96 -21.12
CA VAL C 376 -14.06 13.65 -20.57
C VAL C 376 -15.37 13.11 -21.17
N ALA C 377 -16.36 14.00 -21.30
CA ALA C 377 -17.64 13.64 -21.92
C ALA C 377 -17.44 13.17 -23.36
N ALA C 378 -16.64 13.91 -24.12
CA ALA C 378 -16.29 13.53 -25.49
C ALA C 378 -15.51 12.22 -25.52
N LEU C 379 -14.64 12.03 -24.52
CA LEU C 379 -13.84 10.81 -24.38
C LEU C 379 -14.73 9.57 -24.19
N LEU C 380 -15.89 9.76 -23.56
CA LEU C 380 -16.85 8.67 -23.32
C LEU C 380 -17.79 8.41 -24.50
N GLY C 381 -17.50 9.02 -25.65
CA GLY C 381 -18.27 8.79 -26.88
C GLY C 381 -19.45 9.73 -27.08
N ASN C 382 -19.48 10.83 -26.32
CA ASN C 382 -20.55 11.82 -26.45
C ASN C 382 -20.24 12.76 -27.61
N ARG C 383 -21.10 12.76 -28.62
CA ARG C 383 -20.86 13.53 -29.84
C ARG C 383 -21.38 14.96 -29.73
N VAL C 384 -20.53 15.92 -30.09
CA VAL C 384 -20.90 17.33 -30.11
C VAL C 384 -21.38 17.71 -31.51
N ASP C 385 -22.50 18.44 -31.57
CA ASP C 385 -23.08 18.88 -32.84
C ASP C 385 -22.56 20.27 -33.20
N PRO C 386 -21.77 20.38 -34.30
CA PRO C 386 -21.20 21.68 -34.68
C PRO C 386 -22.24 22.70 -35.18
N LEU C 387 -23.34 22.22 -35.74
CA LEU C 387 -24.39 23.09 -36.27
C LEU C 387 -25.33 23.64 -35.20
N SER C 388 -25.12 23.26 -33.94
CA SER C 388 -25.92 23.74 -32.82
C SER C 388 -25.23 24.89 -32.07
N GLU C 389 -24.48 25.72 -32.80
CA GLU C 389 -23.76 26.84 -32.20
C GLU C 389 -23.74 28.06 -33.13
N GLU C 390 -24.63 29.01 -32.85
CA GLU C 390 -24.63 30.31 -33.54
C GLU C 390 -23.41 31.10 -33.05
N GLY C 391 -22.29 30.90 -33.72
CA GLY C 391 -21.00 31.43 -33.26
C GLY C 391 -19.83 30.71 -33.92
N TRP C 392 -19.96 29.38 -34.04
CA TRP C 392 -19.02 28.58 -34.82
C TRP C 392 -19.19 28.83 -36.33
N LYS C 393 -20.33 29.40 -36.72
CA LYS C 393 -20.57 29.79 -38.11
C LYS C 393 -19.71 31.00 -38.53
N GLN C 394 -19.40 31.88 -37.59
CA GLN C 394 -18.56 33.05 -37.86
C GLN C 394 -17.18 32.66 -38.40
N LYS C 395 -16.67 33.44 -39.34
CA LYS C 395 -15.36 33.20 -39.93
C LYS C 395 -14.25 33.64 -38.98
N PRO C 396 -13.07 33.00 -39.06
CA PRO C 396 -11.94 33.36 -38.20
C PRO C 396 -11.36 34.73 -38.57
N ASN C 397 -10.76 35.40 -37.58
CA ASN C 397 -10.26 36.77 -37.78
C ASN C 397 -9.04 36.84 -38.69
N LEU C 398 -8.71 38.06 -39.12
CA LEU C 398 -7.65 38.29 -40.10
C LEU C 398 -6.29 37.79 -39.59
N ASN C 399 -6.00 38.05 -38.32
CA ASN C 399 -4.74 37.63 -37.71
C ASN C 399 -4.58 36.11 -37.67
N ALA C 400 -5.68 35.40 -37.42
CA ALA C 400 -5.69 33.95 -37.45
C ALA C 400 -5.48 33.41 -38.86
N ILE C 401 -6.17 34.01 -39.83
CA ILE C 401 -6.01 33.64 -41.24
C ILE C 401 -4.55 33.79 -41.68
N ARG C 402 -3.96 34.94 -41.38
CA ARG C 402 -2.58 35.22 -41.74
C ARG C 402 -1.59 34.25 -41.09
N SER C 403 -1.88 33.85 -39.85
CA SER C 403 -1.04 32.90 -39.12
C SER C 403 -1.10 31.50 -39.75
N LEU C 404 -2.31 31.07 -40.12
CA LEU C 404 -2.51 29.78 -40.78
C LEU C 404 -1.86 29.74 -42.16
N GLU C 405 -1.94 30.84 -42.89
CA GLU C 405 -1.28 30.97 -44.19
C GLU C 405 0.23 30.80 -44.08
N ALA C 406 0.80 31.27 -42.97
CA ALA C 406 2.23 31.09 -42.69
C ALA C 406 2.58 29.61 -42.53
N VAL C 407 1.74 28.89 -41.79
CA VAL C 407 1.92 27.45 -41.58
C VAL C 407 1.83 26.68 -42.90
N ILE C 408 0.83 27.02 -43.71
CA ILE C 408 0.63 26.40 -45.02
C ILE C 408 1.84 26.65 -45.93
N ARG C 409 2.32 27.90 -45.92
CA ARG C 409 3.45 28.32 -46.75
CA ARG C 409 3.45 28.32 -46.75
C ARG C 409 4.71 27.52 -46.41
N VAL C 410 4.98 27.35 -45.12
CA VAL C 410 6.16 26.65 -44.65
C VAL C 410 6.05 25.14 -44.85
N HIS C 411 4.90 24.57 -44.48
CA HIS C 411 4.72 23.11 -44.49
C HIS C 411 4.26 22.52 -45.82
N SER C 412 4.06 23.37 -46.83
CA SER C 412 3.82 22.90 -48.20
C SER C 412 4.99 22.06 -48.73
N LYS C 413 6.18 22.29 -48.19
CA LYS C 413 7.38 21.54 -48.55
C LYS C 413 7.35 20.07 -48.07
N TYR C 414 6.64 19.81 -46.98
CA TYR C 414 6.71 18.49 -46.31
C TYR C 414 5.42 17.67 -46.40
N TRP C 415 4.26 18.33 -46.44
CA TRP C 415 2.97 17.65 -46.39
C TRP C 415 2.12 17.92 -47.63
N GLY C 416 1.61 16.85 -48.24
CA GLY C 416 0.78 16.95 -49.44
C GLY C 416 -0.53 17.69 -49.24
N CYS C 417 -1.07 17.63 -48.02
CA CYS C 417 -2.29 18.36 -47.67
C CYS C 417 -2.06 19.86 -47.47
N MET C 418 -0.78 20.27 -47.41
CA MET C 418 -0.42 21.70 -47.30
C MET C 418 0.10 22.28 -48.62
N GLN C 419 0.24 21.45 -49.65
CA GLN C 419 0.72 21.91 -50.95
C GLN C 419 -0.38 22.68 -51.70
#